data_3QFJ
#
_entry.id   3QFJ
#
_cell.length_a   224.008
_cell.length_b   48.098
_cell.length_c   92.959
_cell.angle_alpha   90.00
_cell.angle_beta   91.02
_cell.angle_gamma   90.00
#
_symmetry.space_group_name_H-M   'C 1 2 1'
#
loop_
_entity.id
_entity.type
_entity.pdbx_description
1 polymer 'HLA class I histocompatibility antigen, A-2 alpha chain'
2 polymer Beta-2-microglobulin
3 polymer 'TAX(Y5F) peptide'
4 polymer 'A6 alpha chain'
5 polymer 'A6 beta chain'
6 non-polymer GLYCEROL
7 water water
#
loop_
_entity_poly.entity_id
_entity_poly.type
_entity_poly.pdbx_seq_one_letter_code
_entity_poly.pdbx_strand_id
1 'polypeptide(L)'
;GSHSMRYFFTSVSRPGRGEPRFIAVGYVDDTQFVRFDSDAASQRMEPRAPWIEQEGPEYWDGETRKVKAHSQTHRVDLGT
LRGYYNQSEAGSHTVQRMYGCDVGSDWRFLRGYHQYAYDGKDYIALKEDLRSWTAADMAAQTTKHKWEAAHVAEQLRAYL
EGTCVEWLRRYLENGKETLQRTDAPKTHMTHHAVSDHEATLRCWALSFYPAEITLTWQRDGEDQTQDTELVETRPAGDGT
FQKWAAVVVPSGQEQRYTCHVQHEGLPKPLTLRWE
;
A
2 'polypeptide(L)'
;MIQRTPKIQVYSRHPAENGKSNFLNCYVSGFHPSDIEVDLLKNGERIEKVEHSDLSFSKDWSFYLLYYTEFTPTEKDEYA
CRVNHVTLSQPKIVKWDRDM
;
B
3 'polypeptide(L)' LLFGFPVYV C
4 'polypeptide(L)'
;KEVEQNSGPLSVPEGAIASLNCTYSDRGSQSFFWYRQYSGKSPELIMSIYSNGDKEDGRFTAQLNKASQYVSLLIRDSQP
SDSATYLCAVTTDSWGKLQFGAGTQVVVTPDIQNPDPAVYQLRDSKSSDKSVCLFTDFDSQTNVSQSKDSDVYITDKTVL
DMRSMDFKSNSAVAWSNKSDFACANAFNNSIIPEDTFFPS
;
D
5 'polypeptide(L)'
;NAGVTQTPKFQVLKTGQSMTLQCAQDMNHEYMSWYRQDPGMGLRLIHYSVGAGITDQGEVPNGYNVSRSTTEDFPLRLLS
AAPSQTSVYFCASRPGLAGGRPEQYFGPGTRLTVTEDLKNVFPPEVAVFEPSEAEISHTQKATLVCLATGFYPDHVELSW
WVNGKEVHSGVSTDPQPLKEQPALNDSRYALSSRLRVSATFWQDPRNHFRCQVQFYGLSENDEWTQDRAKPVTQIVSAEA
WGRAD
;
E
#
loop_
_chem_comp.id
_chem_comp.type
_chem_comp.name
_chem_comp.formula
GOL non-polymer GLYCEROL 'C3 H8 O3'
#
# COMPACT_ATOMS: atom_id res chain seq x y z
N GLY A 1 -22.54 0.00 25.30
CA GLY A 1 -21.44 0.82 25.88
C GLY A 1 -20.51 1.28 24.78
N SER A 2 -19.81 2.37 25.03
CA SER A 2 -18.83 2.88 24.08
C SER A 2 -17.57 2.03 24.14
N HIS A 3 -16.83 2.02 23.04
CA HIS A 3 -15.63 1.22 22.98
C HIS A 3 -14.52 1.99 22.30
N SER A 4 -13.28 1.61 22.58
CA SER A 4 -12.15 2.21 21.89
C SER A 4 -11.13 1.17 21.50
N MET A 5 -10.33 1.50 20.49
CA MET A 5 -9.12 0.74 20.19
C MET A 5 -7.97 1.71 20.17
N ARG A 6 -6.93 1.43 20.96
CA ARG A 6 -5.81 2.36 21.10
C ARG A 6 -4.48 1.63 20.98
N TYR A 7 -3.52 2.29 20.36
CA TYR A 7 -2.14 1.79 20.28
C TYR A 7 -1.20 2.81 20.91
N PHE A 8 -0.20 2.30 21.62
CA PHE A 8 0.68 3.13 22.42
C PHE A 8 2.07 2.74 22.05
N PHE A 9 2.88 3.74 21.72
CA PHE A 9 4.25 3.49 21.25
C PHE A 9 5.16 4.36 22.03
N THR A 10 6.22 3.77 22.56
CA THR A 10 7.21 4.50 23.34
C THR A 10 8.55 4.12 22.75
N SER A 11 9.32 5.14 22.43
CA SER A 11 10.65 4.91 21.95
C SER A 11 11.64 5.73 22.75
N VAL A 12 12.68 5.08 23.29
CA VAL A 12 13.67 5.78 24.10
C VAL A 12 15.11 5.51 23.66
N SER A 13 15.85 6.58 23.40
CA SER A 13 17.21 6.46 22.88
C SER A 13 18.22 6.12 23.93
N ARG A 14 19.29 5.48 23.49
CA ARG A 14 20.27 4.97 24.41
C ARG A 14 21.69 5.34 23.99
N PRO A 15 22.12 6.59 24.26
CA PRO A 15 23.47 7.11 23.98
C PRO A 15 24.61 6.16 24.35
N GLY A 16 25.34 5.66 23.35
CA GLY A 16 26.52 4.81 23.58
C GLY A 16 26.18 3.38 23.91
N ARG A 17 24.88 3.08 23.92
CA ARG A 17 24.38 1.77 24.29
C ARG A 17 23.49 1.29 23.16
N GLY A 18 23.57 1.98 22.03
CA GLY A 18 23.05 1.44 20.79
C GLY A 18 21.67 1.89 20.38
N GLU A 19 20.89 0.93 19.89
CA GLU A 19 19.62 1.21 19.25
C GLU A 19 18.58 1.59 20.29
N PRO A 20 17.59 2.37 19.89
CA PRO A 20 16.58 2.73 20.86
C PRO A 20 15.71 1.57 21.33
N ARG A 21 15.27 1.68 22.57
CA ARG A 21 14.26 0.78 23.11
C ARG A 21 12.94 1.13 22.45
N PHE A 22 12.27 0.15 21.84
CA PHE A 22 10.95 0.40 21.24
C PHE A 22 9.92 -0.58 21.81
N ILE A 23 8.87 0.01 22.38
CA ILE A 23 7.76 -0.77 22.92
C ILE A 23 6.46 -0.32 22.31
N ALA A 24 5.74 -1.28 21.74
CA ALA A 24 4.37 -1.02 21.28
C ALA A 24 3.36 -1.91 21.96
N VAL A 25 2.22 -1.32 22.32
CA VAL A 25 1.15 -2.02 23.03
C VAL A 25 -0.19 -1.59 22.38
N GLY A 26 -1.10 -2.55 22.17
CA GLY A 26 -2.45 -2.29 21.69
C GLY A 26 -3.51 -2.71 22.71
N TYR A 27 -4.51 -1.86 22.86
CA TYR A 27 -5.63 -2.08 23.76
C TYR A 27 -6.95 -2.03 23.01
N VAL A 28 -7.90 -2.84 23.47
CA VAL A 28 -9.30 -2.61 23.22
C VAL A 28 -9.85 -2.34 24.60
N ASP A 29 -10.50 -1.17 24.76
CA ASP A 29 -10.90 -0.62 26.06
C ASP A 29 -9.71 -0.66 26.99
N ASP A 30 -9.85 -1.39 28.09
CA ASP A 30 -8.76 -1.53 29.04
C ASP A 30 -8.17 -2.96 29.03
N THR A 31 -8.33 -3.64 27.90
CA THR A 31 -7.77 -4.99 27.75
C THR A 31 -6.70 -4.90 26.70
N GLN A 32 -5.45 -5.11 27.12
CA GLN A 32 -4.33 -5.17 26.22
C GLN A 32 -4.45 -6.44 25.38
N PHE A 33 -4.24 -6.35 24.07
CA PHE A 33 -4.35 -7.53 23.23
C PHE A 33 -3.09 -7.91 22.46
N VAL A 34 -2.20 -6.94 22.25
CA VAL A 34 -0.95 -7.17 21.55
C VAL A 34 0.21 -6.41 22.17
N ARG A 35 1.40 -6.93 21.97
CA ARG A 35 2.63 -6.18 22.27
C ARG A 35 3.74 -6.48 21.28
N PHE A 36 4.65 -5.52 21.18
CA PHE A 36 5.96 -5.75 20.61
C PHE A 36 6.93 -5.02 21.50
N ASP A 37 8.03 -5.70 21.83
CA ASP A 37 9.09 -5.07 22.58
C ASP A 37 10.35 -5.39 21.78
N SER A 38 11.10 -4.35 21.44
CA SER A 38 12.36 -4.48 20.73
C SER A 38 13.40 -5.35 21.46
N ASP A 39 13.23 -5.57 22.75
CA ASP A 39 14.17 -6.28 23.56
C ASP A 39 13.77 -7.73 23.81
N ALA A 40 12.62 -8.17 23.32
CA ALA A 40 12.16 -9.51 23.62
C ALA A 40 12.74 -10.51 22.61
N ALA A 41 12.46 -11.79 22.84
CA ALA A 41 13.01 -12.91 22.06
C ALA A 41 12.64 -12.84 20.60
N SER A 42 11.35 -13.05 20.37
CA SER A 42 10.71 -13.32 19.09
C SER A 42 10.92 -12.31 17.95
N GLN A 43 10.98 -11.01 18.28
CA GLN A 43 10.99 -9.92 17.31
C GLN A 43 9.69 -9.92 16.48
N ARG A 44 8.59 -10.34 17.09
CA ARG A 44 7.30 -10.40 16.42
C ARG A 44 6.30 -9.65 17.26
N MET A 45 5.22 -9.21 16.64
CA MET A 45 4.06 -8.82 17.38
C MET A 45 3.52 -10.08 18.05
N GLU A 46 3.26 -10.00 19.35
CA GLU A 46 2.87 -11.14 20.17
C GLU A 46 1.43 -10.97 20.70
N PRO A 47 0.69 -12.08 20.79
CA PRO A 47 -0.63 -12.07 21.43
C PRO A 47 -0.58 -11.83 22.93
N ARG A 48 -1.57 -11.10 23.45
CA ARG A 48 -1.67 -10.77 24.87
C ARG A 48 -3.10 -10.91 25.36
N ALA A 49 -3.91 -11.60 24.56
CA ALA A 49 -5.30 -11.86 24.89
C ALA A 49 -5.60 -13.17 24.19
N PRO A 50 -6.44 -14.03 24.81
CA PRO A 50 -6.84 -15.31 24.20
C PRO A 50 -7.51 -15.18 22.83
N TRP A 51 -8.32 -14.14 22.66
CA TRP A 51 -9.19 -14.04 21.51
C TRP A 51 -8.54 -13.48 20.28
N ILE A 52 -7.27 -13.13 20.38
CA ILE A 52 -6.60 -12.58 19.25
C ILE A 52 -5.68 -13.64 18.63
N GLU A 53 -5.52 -14.75 19.34
CA GLU A 53 -4.68 -15.84 18.86
C GLU A 53 -5.37 -16.62 17.75
N GLN A 54 -6.67 -16.38 17.58
CA GLN A 54 -7.43 -16.99 16.51
C GLN A 54 -7.28 -16.25 15.18
N GLU A 55 -6.43 -15.21 15.15
CA GLU A 55 -6.04 -14.61 13.89
C GLU A 55 -5.01 -15.51 13.21
N GLY A 56 -5.00 -15.48 11.88
CA GLY A 56 -4.11 -16.34 11.12
C GLY A 56 -2.70 -15.80 11.03
N PRO A 57 -1.80 -16.57 10.40
CA PRO A 57 -0.37 -16.26 10.27
C PRO A 57 -0.09 -14.99 9.51
N GLU A 58 -0.92 -14.69 8.51
CA GLU A 58 -0.85 -13.43 7.75
C GLU A 58 -1.12 -12.19 8.59
N TYR A 59 -1.92 -12.33 9.65
CA TYR A 59 -2.20 -11.21 10.56
C TYR A 59 -0.93 -10.85 11.30
N TRP A 60 -0.25 -11.86 11.82
CA TRP A 60 0.92 -11.68 12.68
C TRP A 60 2.12 -11.20 11.91
N ASP A 61 2.37 -11.84 10.76
CA ASP A 61 3.32 -11.35 9.75
C ASP A 61 3.13 -9.85 9.45
N GLY A 62 1.90 -9.46 9.17
CA GLY A 62 1.58 -8.12 8.75
C GLY A 62 1.85 -7.14 9.86
N GLU A 63 1.39 -7.48 11.06
CA GLU A 63 1.53 -6.64 12.27
C GLU A 63 2.97 -6.45 12.66
N THR A 64 3.75 -7.52 12.46
CA THR A 64 5.17 -7.55 12.73
C THR A 64 5.96 -6.65 11.78
N ARG A 65 5.61 -6.66 10.49
CA ARG A 65 6.19 -5.71 9.52
C ARG A 65 5.79 -4.24 9.84
N LYS A 66 4.56 -4.03 10.26
CA LYS A 66 4.06 -2.69 10.46
C LYS A 66 4.59 -2.10 11.75
N VAL A 67 4.62 -2.89 12.83
CA VAL A 67 5.25 -2.45 14.07
C VAL A 67 6.75 -2.16 13.90
N LYS A 68 7.45 -2.99 13.11
CA LYS A 68 8.85 -2.75 12.79
C LYS A 68 9.07 -1.55 11.89
N ALA A 69 8.04 -1.16 11.13
CA ALA A 69 8.07 0.08 10.39
C ALA A 69 7.82 1.26 11.31
N HIS A 70 6.91 1.14 12.28
CA HIS A 70 6.84 2.13 13.36
C HIS A 70 8.15 2.25 14.11
N SER A 71 8.84 1.11 14.33
CA SER A 71 10.09 1.12 15.07
C SER A 71 11.12 2.00 14.37
N GLN A 72 11.24 1.80 13.05
CA GLN A 72 12.03 2.67 12.18
C GLN A 72 11.67 4.16 12.21
N THR A 73 10.39 4.52 12.11
CA THR A 73 10.09 5.96 12.04
C THR A 73 10.52 6.62 13.32
N HIS A 74 10.13 6.03 14.43
CA HIS A 74 10.53 6.44 15.78
C HIS A 74 12.02 6.60 16.05
N ARG A 75 12.80 5.70 15.49
CA ARG A 75 14.24 5.69 15.62
C ARG A 75 14.90 6.85 14.86
N VAL A 76 14.46 7.05 13.62
CA VAL A 76 14.95 8.11 12.78
C VAL A 76 14.46 9.44 13.40
N ASP A 77 13.23 9.41 13.95
CA ASP A 77 12.63 10.58 14.64
C ASP A 77 13.47 11.00 15.81
N LEU A 78 14.08 10.05 16.54
CA LEU A 78 14.91 10.43 17.70
C LEU A 78 16.15 11.23 17.28
N GLY A 79 16.77 10.78 16.19
CA GLY A 79 17.84 11.53 15.53
C GLY A 79 17.38 12.87 14.93
N THR A 80 16.18 12.85 14.33
CA THR A 80 15.65 14.02 13.64
C THR A 80 15.39 15.15 14.67
N LEU A 81 14.65 14.83 15.74
CA LEU A 81 14.33 15.71 16.89
C LEU A 81 15.54 16.26 17.65
N ARG A 82 16.55 15.41 17.83
CA ARG A 82 17.88 15.83 18.32
C ARG A 82 18.45 16.94 17.48
N GLY A 83 18.35 16.76 16.16
CA GLY A 83 18.73 17.82 15.22
C GLY A 83 17.88 19.07 15.35
N TYR A 84 16.54 18.93 15.43
CA TYR A 84 15.64 20.10 15.52
C TYR A 84 15.88 20.93 16.78
N TYR A 85 16.24 20.29 17.87
CA TYR A 85 16.42 20.94 19.14
C TYR A 85 17.90 21.20 19.46
N ASN A 86 18.79 20.77 18.56
CA ASN A 86 20.26 20.87 18.71
C ASN A 86 20.75 20.31 20.05
N GLN A 87 20.36 19.06 20.32
CA GLN A 87 20.73 18.46 21.58
C GLN A 87 21.93 17.57 21.38
N SER A 88 22.70 17.34 22.45
CA SER A 88 23.93 16.55 22.35
C SER A 88 23.59 15.09 22.15
N GLU A 89 24.55 14.32 21.64
CA GLU A 89 24.32 12.89 21.44
C GLU A 89 24.41 12.07 22.74
N ALA A 90 24.85 12.70 23.82
CA ALA A 90 25.08 12.00 25.07
C ALA A 90 23.81 11.80 25.93
N GLY A 91 22.69 12.37 25.52
CA GLY A 91 21.47 12.26 26.30
C GLY A 91 20.39 11.34 25.80
N SER A 92 19.70 10.72 26.75
CA SER A 92 18.55 9.89 26.44
C SER A 92 17.30 10.74 26.28
N HIS A 93 16.55 10.50 25.20
CA HIS A 93 15.35 11.25 24.94
C HIS A 93 14.21 10.29 24.64
N THR A 94 12.97 10.75 24.86
CA THR A 94 11.79 9.89 24.72
C THR A 94 10.84 10.42 23.71
N VAL A 95 10.48 9.55 22.78
CA VAL A 95 9.28 9.77 21.98
C VAL A 95 8.16 8.79 22.31
N GLN A 96 6.93 9.29 22.32
CA GLN A 96 5.71 8.54 22.53
C GLN A 96 4.66 8.90 21.47
N ARG A 97 3.98 7.88 20.95
CA ARG A 97 2.91 8.11 20.00
C ARG A 97 1.68 7.38 20.50
N MET A 98 0.54 8.04 20.46
CA MET A 98 -0.68 7.31 20.70
C MET A 98 -1.72 7.61 19.64
N TYR A 99 -2.23 6.58 18.99
CA TYR A 99 -3.40 6.75 18.11
C TYR A 99 -4.53 5.73 18.31
N GLY A 100 -5.73 6.11 17.88
CA GLY A 100 -6.84 5.16 17.79
C GLY A 100 -8.19 5.79 17.58
N CYS A 101 -9.25 5.08 17.92
CA CYS A 101 -10.59 5.55 17.62
C CYS A 101 -11.60 5.11 18.66
N ASP A 102 -12.67 5.89 18.82
CA ASP A 102 -13.78 5.54 19.67
C ASP A 102 -15.01 5.22 18.84
N VAL A 103 -15.84 4.29 19.32
CA VAL A 103 -17.15 4.03 18.74
C VAL A 103 -18.19 4.20 19.84
N GLY A 104 -19.46 4.40 19.47
CA GLY A 104 -20.55 4.47 20.44
C GLY A 104 -21.14 3.11 20.74
N SER A 105 -22.32 3.10 21.35
CA SER A 105 -23.00 1.83 21.64
C SER A 105 -23.69 1.23 20.41
N ASP A 106 -23.82 2.02 19.35
CA ASP A 106 -24.21 1.53 18.03
C ASP A 106 -23.03 0.97 17.22
N TRP A 107 -21.82 1.14 17.78
CA TRP A 107 -20.53 0.75 17.21
C TRP A 107 -20.11 1.58 15.98
N ARG A 108 -20.77 2.72 15.79
CA ARG A 108 -20.40 3.63 14.73
C ARG A 108 -19.29 4.52 15.24
N PHE A 109 -18.40 4.95 14.34
CA PHE A 109 -17.34 5.93 14.60
C PHE A 109 -17.81 7.14 15.41
N LEU A 110 -17.02 7.52 16.40
CA LEU A 110 -17.35 8.64 17.24
C LEU A 110 -16.24 9.70 17.15
N ARG A 111 -15.01 9.25 17.28
CA ARG A 111 -13.86 10.14 17.41
C ARG A 111 -12.63 9.38 16.99
N GLY A 112 -11.66 10.07 16.37
CA GLY A 112 -10.32 9.50 16.10
C GLY A 112 -9.24 10.50 16.52
N TYR A 113 -8.05 9.99 16.83
CA TYR A 113 -6.96 10.82 17.38
C TYR A 113 -5.61 10.21 17.06
N HIS A 114 -4.57 11.03 17.11
CA HIS A 114 -3.20 10.65 16.85
C HIS A 114 -2.35 11.68 17.54
N GLN A 115 -1.75 11.31 18.65
CA GLN A 115 -0.99 12.27 19.41
C GLN A 115 0.46 11.82 19.38
N TYR A 116 1.34 12.77 19.60
CA TYR A 116 2.77 12.55 19.54
C TYR A 116 3.45 13.48 20.53
N ALA A 117 4.32 12.90 21.35
CA ALA A 117 5.10 13.65 22.34
C ALA A 117 6.58 13.42 22.22
N TYR A 118 7.29 14.47 22.59
CA TYR A 118 8.74 14.45 22.76
C TYR A 118 9.06 14.93 24.13
N ASP A 119 9.81 14.08 24.76
CA ASP A 119 10.24 14.19 26.13
C ASP A 119 9.16 14.21 27.17
N GLY A 120 7.99 13.69 26.83
CA GLY A 120 6.95 13.55 27.80
C GLY A 120 6.01 14.74 27.75
N LYS A 121 6.11 15.52 26.68
CA LYS A 121 5.19 16.66 26.50
C LYS A 121 4.83 16.77 25.02
N ASP A 122 3.75 17.51 24.75
CA ASP A 122 3.11 17.47 23.44
C ASP A 122 3.99 18.05 22.38
N TYR A 123 4.22 17.27 21.32
CA TYR A 123 5.00 17.72 20.16
C TYR A 123 4.03 18.20 19.04
N ILE A 124 3.25 17.26 18.54
CA ILE A 124 2.29 17.49 17.46
C ILE A 124 1.06 16.56 17.59
N ALA A 125 -0.13 17.11 17.41
CA ALA A 125 -1.32 16.25 17.31
C ALA A 125 -2.31 16.61 16.22
N LEU A 126 -2.90 15.55 15.66
CA LEU A 126 -3.99 15.61 14.73
C LEU A 126 -5.18 16.17 15.47
N LYS A 127 -5.75 17.23 14.92
CA LYS A 127 -6.96 17.84 15.47
C LYS A 127 -8.19 16.96 15.24
N GLU A 128 -9.26 17.29 15.96
CA GLU A 128 -10.55 16.56 15.98
C GLU A 128 -11.20 16.31 14.60
N ASP A 129 -10.97 17.23 13.67
CA ASP A 129 -11.53 17.12 12.32
C ASP A 129 -10.72 16.25 11.36
N LEU A 130 -9.60 15.71 11.87
CA LEU A 130 -8.67 14.79 11.20
C LEU A 130 -8.05 15.30 9.90
N ARG A 131 -7.93 16.63 9.80
CA ARG A 131 -7.43 17.30 8.61
C ARG A 131 -6.29 18.27 8.95
N SER A 132 -6.08 18.54 10.24
CA SER A 132 -5.13 19.56 10.62
C SER A 132 -4.33 19.25 11.85
N TRP A 133 -3.19 19.93 11.96
CA TRP A 133 -2.22 19.61 12.97
C TRP A 133 -2.04 20.76 13.95
N THR A 134 -1.87 20.44 15.23
CA THR A 134 -1.46 21.41 16.22
C THR A 134 -0.01 21.16 16.59
N ALA A 135 0.88 22.01 16.08
CA ALA A 135 2.26 22.06 16.49
C ALA A 135 2.46 22.84 17.79
N ALA A 136 3.19 22.21 18.70
CA ALA A 136 3.47 22.76 20.02
C ALA A 136 4.42 23.95 20.04
N ASP A 137 5.52 23.85 19.28
CA ASP A 137 6.60 24.82 19.27
C ASP A 137 7.08 25.12 17.83
N MET A 138 8.14 25.93 17.72
CA MET A 138 8.78 26.26 16.43
C MET A 138 9.41 25.05 15.73
N ALA A 139 10.00 24.13 16.51
CA ALA A 139 10.57 22.92 15.90
C ALA A 139 9.48 21.97 15.40
N ALA A 140 8.28 22.01 15.98
CA ALA A 140 7.24 21.07 15.53
C ALA A 140 6.43 21.65 14.41
N GLN A 141 6.72 22.89 14.05
CA GLN A 141 6.04 23.59 12.97
C GLN A 141 6.67 23.03 11.68
N THR A 142 7.96 22.67 11.77
CA THR A 142 8.69 22.00 10.71
C THR A 142 8.10 20.63 10.35
N THR A 143 7.73 19.86 11.37
CA THR A 143 7.18 18.48 11.21
C THR A 143 5.77 18.57 10.59
N LYS A 144 5.06 19.59 11.02
CA LYS A 144 3.71 19.92 10.60
C LYS A 144 3.63 20.27 9.11
N HIS A 145 4.52 21.15 8.67
CA HIS A 145 4.56 21.60 7.29
C HIS A 145 5.08 20.46 6.40
N LYS A 146 5.94 19.64 6.97
CA LYS A 146 6.38 18.41 6.32
C LYS A 146 5.21 17.42 6.20
N TRP A 147 4.41 17.29 7.26
CA TRP A 147 3.26 16.38 7.24
C TRP A 147 2.07 16.90 6.45
N GLU A 148 2.00 18.19 6.22
CA GLU A 148 0.97 18.74 5.35
C GLU A 148 1.33 18.43 3.89
N ALA A 149 2.61 18.61 3.56
CA ALA A 149 3.14 18.34 2.23
C ALA A 149 3.08 16.87 1.85
N ALA A 150 3.16 15.99 2.84
CA ALA A 150 3.16 14.56 2.61
C ALA A 150 1.79 13.92 2.77
N HIS A 151 0.76 14.75 2.89
CA HIS A 151 -0.65 14.33 3.04
C HIS A 151 -0.96 13.34 4.16
N VAL A 152 -0.27 13.47 5.28
CA VAL A 152 -0.30 12.49 6.37
C VAL A 152 -1.66 12.36 7.04
N ALA A 153 -2.33 13.50 7.23
CA ALA A 153 -3.66 13.56 7.82
C ALA A 153 -4.69 12.73 7.07
N GLU A 154 -4.62 12.74 5.73
CA GLU A 154 -5.58 12.06 4.84
C GLU A 154 -5.56 10.55 5.01
N GLN A 155 -4.34 10.04 5.15
CA GLN A 155 -4.12 8.63 5.34
C GLN A 155 -4.55 8.23 6.73
N LEU A 156 -4.31 9.12 7.71
CA LEU A 156 -4.71 8.87 9.08
C LEU A 156 -6.23 8.85 9.28
N ARG A 157 -6.91 9.87 8.74
CA ARG A 157 -8.37 9.94 8.69
C ARG A 157 -9.01 8.70 8.08
N ALA A 158 -8.43 8.21 6.99
CA ALA A 158 -8.89 6.99 6.32
C ALA A 158 -8.75 5.75 7.22
N TYR A 159 -7.64 5.68 7.95
CA TYR A 159 -7.44 4.66 8.95
C TYR A 159 -8.40 4.81 10.14
N LEU A 160 -8.44 5.99 10.75
CA LEU A 160 -9.24 6.23 11.97
C LEU A 160 -10.77 6.13 11.78
N GLU A 161 -11.26 6.53 10.62
CA GLU A 161 -12.69 6.46 10.34
C GLU A 161 -13.07 5.15 9.68
N GLY A 162 -12.08 4.39 9.22
CA GLY A 162 -12.36 3.19 8.46
C GLY A 162 -11.84 1.94 9.12
N THR A 163 -10.58 1.62 8.82
CA THR A 163 -9.88 0.43 9.26
C THR A 163 -9.87 0.26 10.79
N CYS A 164 -9.69 1.36 11.51
CA CYS A 164 -9.67 1.34 12.95
C CYS A 164 -11.02 0.90 13.53
N VAL A 165 -12.12 1.44 13.01
CA VAL A 165 -13.44 1.07 13.50
C VAL A 165 -13.85 -0.32 13.01
N GLU A 166 -13.37 -0.72 11.84
CA GLU A 166 -13.67 -2.02 11.28
C GLU A 166 -12.99 -3.11 12.07
N TRP A 167 -11.76 -2.87 12.50
CA TRP A 167 -11.04 -3.93 13.21
C TRP A 167 -11.42 -4.00 14.69
N LEU A 168 -11.75 -2.86 15.28
CA LEU A 168 -12.31 -2.77 16.64
C LEU A 168 -13.58 -3.59 16.76
N ARG A 169 -14.46 -3.44 15.78
CA ARG A 169 -15.71 -4.21 15.70
C ARG A 169 -15.45 -5.71 15.65
N ARG A 170 -14.49 -6.11 14.84
CA ARG A 170 -14.09 -7.50 14.71
C ARG A 170 -13.54 -8.08 16.03
N TYR A 171 -12.73 -7.28 16.70
CA TYR A 171 -12.14 -7.68 17.98
C TYR A 171 -13.20 -7.85 19.06
N LEU A 172 -14.09 -6.85 19.16
CA LEU A 172 -15.22 -6.88 20.09
C LEU A 172 -16.13 -8.11 19.98
N GLU A 173 -16.34 -8.62 18.77
CA GLU A 173 -17.15 -9.81 18.65
C GLU A 173 -16.35 -11.10 18.75
N ASN A 174 -15.06 -11.06 18.36
CA ASN A 174 -14.16 -12.19 18.60
C ASN A 174 -13.91 -12.44 20.08
N GLY A 175 -13.77 -11.36 20.84
CA GLY A 175 -13.56 -11.48 22.27
C GLY A 175 -14.76 -11.06 23.08
N LYS A 176 -15.93 -11.49 22.66
CA LYS A 176 -17.22 -11.07 23.22
C LYS A 176 -17.37 -11.37 24.70
N GLU A 177 -16.95 -12.56 25.10
CA GLU A 177 -17.01 -13.02 26.49
C GLU A 177 -16.08 -12.27 27.41
N THR A 178 -15.01 -11.70 26.85
CA THR A 178 -14.09 -10.91 27.63
C THR A 178 -14.31 -9.40 27.43
N LEU A 179 -14.55 -8.96 26.20
CA LEU A 179 -14.60 -7.51 25.92
C LEU A 179 -15.92 -6.85 26.26
N GLN A 180 -17.02 -7.54 25.98
CA GLN A 180 -18.34 -6.94 26.20
C GLN A 180 -18.94 -7.24 27.57
N ARG A 181 -18.10 -7.71 28.48
CA ARG A 181 -18.53 -7.91 29.84
C ARG A 181 -18.44 -6.56 30.54
N THR A 182 -19.25 -6.41 31.56
CA THR A 182 -19.08 -5.32 32.48
C THR A 182 -19.14 -5.90 33.89
N ASP A 183 -18.10 -5.70 34.67
CA ASP A 183 -18.05 -6.23 36.03
C ASP A 183 -18.39 -5.15 37.03
N ALA A 184 -19.37 -5.43 37.88
CA ALA A 184 -19.82 -4.49 38.89
C ALA A 184 -18.79 -4.41 40.04
N PRO A 185 -18.57 -3.21 40.60
CA PRO A 185 -17.64 -3.05 41.71
C PRO A 185 -18.18 -3.62 43.03
N LYS A 186 -17.39 -4.48 43.68
CA LYS A 186 -17.68 -4.94 45.03
C LYS A 186 -17.14 -3.89 45.99
N THR A 187 -18.02 -3.31 46.79
CA THR A 187 -17.63 -2.17 47.63
C THR A 187 -17.59 -2.46 49.12
N HIS A 188 -16.56 -1.92 49.78
CA HIS A 188 -16.34 -2.10 51.21
C HIS A 188 -16.38 -0.73 51.83
N MET A 189 -16.07 -0.69 53.12
CA MET A 189 -16.07 0.52 53.90
C MET A 189 -15.19 0.21 55.09
N THR A 190 -14.09 0.95 55.25
CA THR A 190 -13.20 0.72 56.39
C THR A 190 -12.96 2.00 57.19
N HIS A 191 -12.66 1.81 58.47
CA HIS A 191 -12.46 2.90 59.41
C HIS A 191 -11.31 2.58 60.37
N HIS A 192 -10.34 3.49 60.44
CA HIS A 192 -9.16 3.31 61.29
C HIS A 192 -8.87 4.55 62.13
N ALA A 193 -8.36 4.32 63.34
CA ALA A 193 -8.03 5.42 64.24
C ALA A 193 -6.71 6.06 63.86
N VAL A 194 -6.73 7.38 63.62
CA VAL A 194 -5.50 8.15 63.48
C VAL A 194 -4.96 8.37 64.90
N SER A 195 -5.82 8.91 65.76
CA SER A 195 -5.54 8.98 67.18
C SER A 195 -6.84 8.86 67.96
N ASP A 196 -7.15 9.89 68.73
CA ASP A 196 -8.39 9.94 69.50
C ASP A 196 -9.14 11.20 69.11
N HIS A 197 -8.66 11.87 68.07
CA HIS A 197 -9.22 13.12 67.63
C HIS A 197 -9.65 13.01 66.18
N GLU A 198 -8.91 12.22 65.41
CA GLU A 198 -9.17 12.05 63.98
C GLU A 198 -9.43 10.59 63.62
N ALA A 199 -10.26 10.38 62.60
CA ALA A 199 -10.54 9.06 62.08
C ALA A 199 -10.65 9.11 60.56
N THR A 200 -10.08 8.10 59.90
CA THR A 200 -10.09 8.03 58.44
C THR A 200 -11.15 7.07 57.93
N LEU A 201 -12.12 7.59 57.19
CA LEU A 201 -13.09 6.75 56.49
C LEU A 201 -12.59 6.50 55.09
N ARG A 202 -12.40 5.21 54.75
CA ARG A 202 -11.93 4.82 53.42
C ARG A 202 -12.95 4.01 52.64
N CYS A 203 -13.31 4.50 51.46
CA CYS A 203 -14.32 3.86 50.64
C CYS A 203 -13.69 3.03 49.52
N TRP A 204 -13.94 1.73 49.53
CA TRP A 204 -13.31 0.82 48.57
C TRP A 204 -14.19 0.45 47.39
N ALA A 205 -13.54 0.11 46.28
CA ALA A 205 -14.21 -0.46 45.12
C ALA A 205 -13.31 -1.50 44.47
N LEU A 206 -13.76 -2.74 44.43
CA LEU A 206 -12.92 -3.83 43.93
C LEU A 206 -13.61 -4.60 42.82
N SER A 207 -12.81 -5.26 41.98
CA SER A 207 -13.25 -6.21 40.95
C SER A 207 -14.10 -5.65 39.82
N PHE A 208 -13.87 -4.41 39.45
CA PHE A 208 -14.67 -3.80 38.41
C PHE A 208 -13.97 -3.80 37.06
N TYR A 209 -14.79 -3.90 36.01
CA TYR A 209 -14.36 -3.68 34.65
C TYR A 209 -15.55 -3.03 33.97
N PRO A 210 -15.34 -1.91 33.25
CA PRO A 210 -14.11 -1.21 32.89
C PRO A 210 -13.56 -0.30 33.97
N ALA A 211 -12.39 0.27 33.72
CA ALA A 211 -11.64 1.06 34.70
C ALA A 211 -12.29 2.39 35.09
N GLU A 212 -13.15 2.91 34.21
CA GLU A 212 -13.81 4.20 34.44
C GLU A 212 -14.79 4.11 35.58
N ILE A 213 -14.44 4.79 36.67
CA ILE A 213 -15.23 4.78 37.89
C ILE A 213 -15.09 6.15 38.59
N THR A 214 -16.14 6.58 39.28
CA THR A 214 -16.09 7.83 40.03
C THR A 214 -16.42 7.55 41.49
N LEU A 215 -15.48 7.91 42.37
CA LEU A 215 -15.65 7.80 43.81
C LEU A 215 -15.57 9.21 44.38
N THR A 216 -16.65 9.63 45.03
CA THR A 216 -16.72 11.00 45.56
C THR A 216 -17.19 11.03 46.99
N TRP A 217 -16.64 11.96 47.75
CA TRP A 217 -17.05 12.18 49.13
C TRP A 217 -17.85 13.45 49.29
N GLN A 218 -18.72 13.45 50.31
CA GLN A 218 -19.78 14.44 50.45
C GLN A 218 -20.27 14.51 51.88
N ARG A 219 -20.57 15.72 52.36
CA ARG A 219 -21.28 15.91 53.62
C ARG A 219 -22.63 16.60 53.39
N ASP A 220 -23.71 15.86 53.66
CA ASP A 220 -25.11 16.31 53.55
C ASP A 220 -25.53 16.84 52.16
N GLY A 221 -25.00 16.22 51.11
CA GLY A 221 -25.33 16.64 49.74
C GLY A 221 -24.26 17.51 49.10
N GLU A 222 -23.49 18.22 49.93
CA GLU A 222 -22.43 19.08 49.44
C GLU A 222 -21.13 18.28 49.36
N ASP A 223 -20.57 18.18 48.16
CA ASP A 223 -19.37 17.36 47.94
C ASP A 223 -18.09 17.95 48.53
N GLN A 224 -17.19 17.08 48.97
CA GLN A 224 -16.05 17.49 49.76
C GLN A 224 -14.73 16.98 49.20
N THR A 225 -14.14 17.75 48.28
CA THR A 225 -12.81 17.43 47.75
C THR A 225 -11.71 18.21 48.47
N GLN A 226 -12.11 18.89 49.55
CA GLN A 226 -11.18 19.64 50.41
C GLN A 226 -10.37 18.69 51.31
N ASP A 227 -10.85 17.46 51.47
CA ASP A 227 -10.16 16.44 52.27
C ASP A 227 -9.94 15.13 51.51
N THR A 228 -10.52 15.02 50.32
CA THR A 228 -10.58 13.75 49.59
C THR A 228 -9.24 13.27 49.00
N GLU A 229 -8.58 12.39 49.73
CA GLU A 229 -7.44 11.66 49.19
C GLU A 229 -7.97 10.55 48.29
N LEU A 230 -7.58 10.59 47.02
CA LEU A 230 -8.14 9.72 46.00
C LEU A 230 -6.99 9.01 45.27
N VAL A 231 -6.85 7.70 45.43
CA VAL A 231 -5.76 7.03 44.69
C VAL A 231 -6.13 6.75 43.25
N GLU A 232 -5.11 6.69 42.39
CA GLU A 232 -5.24 6.27 41.00
C GLU A 232 -5.82 4.86 40.88
N THR A 233 -6.65 4.66 39.85
CA THR A 233 -7.22 3.34 39.57
C THR A 233 -6.09 2.37 39.23
N ARG A 234 -6.08 1.23 39.91
CA ARG A 234 -5.01 0.27 39.78
C ARG A 234 -5.57 -1.06 39.30
N PRO A 235 -4.83 -1.73 38.40
CA PRO A 235 -5.19 -3.08 37.96
C PRO A 235 -5.01 -4.12 39.06
N ALA A 236 -6.00 -5.01 39.18
CA ALA A 236 -5.90 -6.12 40.12
C ALA A 236 -4.96 -7.20 39.59
N GLY A 237 -4.90 -7.36 38.27
CA GLY A 237 -4.00 -8.31 37.65
C GLY A 237 -4.73 -9.45 36.97
N ASP A 238 -6.03 -9.58 37.23
CA ASP A 238 -6.86 -10.58 36.56
C ASP A 238 -7.77 -9.95 35.50
N GLY A 239 -7.47 -8.72 35.14
CA GLY A 239 -8.29 -7.99 34.18
C GLY A 239 -9.37 -7.14 34.80
N THR A 240 -9.40 -7.10 36.14
CA THR A 240 -10.28 -6.17 36.83
C THR A 240 -9.51 -5.03 37.49
N PHE A 241 -10.23 -4.05 37.99
CA PHE A 241 -9.61 -2.85 38.53
C PHE A 241 -10.00 -2.58 39.99
N GLN A 242 -9.17 -1.81 40.69
CA GLN A 242 -9.44 -1.44 42.08
C GLN A 242 -9.24 0.07 42.24
N LYS A 243 -9.83 0.66 43.27
CA LYS A 243 -9.67 2.09 43.61
C LYS A 243 -10.22 2.38 45.01
N TRP A 244 -9.60 3.31 45.74
CA TRP A 244 -10.20 3.82 46.97
C TRP A 244 -10.17 5.35 47.17
N ALA A 245 -11.11 5.85 47.97
CA ALA A 245 -11.11 7.27 48.35
C ALA A 245 -11.25 7.44 49.87
N ALA A 246 -10.40 8.29 50.45
CA ALA A 246 -10.48 8.55 51.88
C ALA A 246 -10.73 10.02 52.24
N VAL A 247 -11.44 10.23 53.34
CA VAL A 247 -11.53 11.55 53.97
C VAL A 247 -11.21 11.49 55.44
N VAL A 248 -10.67 12.57 55.97
CA VAL A 248 -10.35 12.66 57.39
C VAL A 248 -11.53 13.31 58.11
N VAL A 249 -12.15 12.55 59.01
CA VAL A 249 -13.41 12.92 59.65
C VAL A 249 -13.20 13.22 61.14
N PRO A 250 -13.83 14.29 61.66
CA PRO A 250 -14.05 14.42 63.11
C PRO A 250 -14.89 13.26 63.62
N SER A 251 -14.25 12.37 64.38
CA SER A 251 -14.85 11.10 64.84
C SER A 251 -16.00 11.29 65.82
N GLY A 252 -17.07 10.53 65.60
CA GLY A 252 -18.33 10.71 66.32
C GLY A 252 -19.36 11.32 65.40
N GLN A 253 -18.88 12.13 64.45
CA GLN A 253 -19.72 12.74 63.44
C GLN A 253 -19.50 12.06 62.08
N GLU A 254 -19.54 10.73 62.09
CA GLU A 254 -19.41 9.94 60.87
C GLU A 254 -20.78 9.59 60.29
N GLN A 255 -21.83 10.17 60.86
CA GLN A 255 -23.19 9.92 60.40
C GLN A 255 -23.48 10.58 59.05
N ARG A 256 -23.14 11.86 58.92
CA ARG A 256 -23.51 12.62 57.72
C ARG A 256 -22.37 12.74 56.71
N TYR A 257 -21.74 11.60 56.42
CA TYR A 257 -20.70 11.51 55.40
C TYR A 257 -21.06 10.33 54.52
N THR A 258 -21.23 10.57 53.22
CA THR A 258 -21.66 9.53 52.29
C THR A 258 -20.71 9.34 51.10
N CYS A 259 -20.35 8.09 50.84
CA CYS A 259 -19.50 7.76 49.69
C CYS A 259 -20.35 7.41 48.48
N HIS A 260 -20.06 8.08 47.35
CA HIS A 260 -20.81 7.85 46.13
C HIS A 260 -20.00 7.16 45.05
N VAL A 261 -20.42 5.95 44.69
CA VAL A 261 -19.76 5.16 43.65
C VAL A 261 -20.59 5.15 42.38
N GLN A 262 -20.00 5.58 41.27
CA GLN A 262 -20.66 5.44 39.96
C GLN A 262 -19.79 4.70 38.92
N HIS A 263 -20.43 3.77 38.22
CA HIS A 263 -19.77 2.86 37.29
C HIS A 263 -20.85 2.40 36.30
N GLU A 264 -20.45 1.94 35.10
CA GLU A 264 -21.44 1.55 34.08
C GLU A 264 -22.07 0.18 34.33
N GLY A 265 -21.46 -0.60 35.22
CA GLY A 265 -22.02 -1.86 35.67
C GLY A 265 -23.02 -1.69 36.79
N LEU A 266 -23.07 -0.50 37.37
CA LEU A 266 -24.09 -0.18 38.36
C LEU A 266 -25.38 0.30 37.70
N PRO A 267 -26.51 -0.36 38.01
CA PRO A 267 -27.84 0.04 37.57
C PRO A 267 -28.25 1.38 38.20
N LYS A 268 -27.86 1.57 39.47
CA LYS A 268 -28.04 2.84 40.15
C LYS A 268 -26.76 3.12 40.93
N PRO A 269 -26.26 4.37 40.89
CA PRO A 269 -25.10 4.86 41.65
C PRO A 269 -25.20 4.64 43.16
N LEU A 270 -24.22 3.94 43.73
CA LEU A 270 -24.27 3.49 45.12
C LEU A 270 -24.02 4.59 46.15
N THR A 271 -24.72 4.49 47.27
CA THR A 271 -24.60 5.44 48.37
C THR A 271 -24.26 4.64 49.63
N LEU A 272 -23.28 5.11 50.40
CA LEU A 272 -22.69 4.31 51.47
C LEU A 272 -22.18 5.16 52.64
N ARG A 273 -22.65 4.86 53.85
CA ARG A 273 -22.09 5.44 55.07
C ARG A 273 -21.67 4.34 56.06
N TRP A 274 -20.83 4.70 57.03
CA TRP A 274 -20.16 3.72 57.91
C TRP A 274 -21.06 2.96 58.88
N GLU A 275 -20.97 1.63 58.79
CA GLU A 275 -21.82 0.72 59.56
C GLU A 275 -21.31 0.58 60.98
N MET B 1 12.16 18.51 28.45
CA MET B 1 12.45 17.32 29.29
C MET B 1 11.58 17.36 30.55
N ILE B 2 11.03 16.22 30.95
CA ILE B 2 10.09 16.17 32.05
C ILE B 2 10.42 15.02 32.99
N GLN B 3 10.60 15.31 34.26
CA GLN B 3 10.81 14.25 35.22
C GLN B 3 9.57 14.17 36.07
N ARG B 4 9.08 12.97 36.31
CA ARG B 4 7.96 12.80 37.26
C ARG B 4 8.26 11.62 38.17
N THR B 5 8.08 11.80 39.48
CA THR B 5 8.29 10.73 40.47
C THR B 5 7.16 9.73 40.41
N PRO B 6 7.47 8.42 40.44
CA PRO B 6 6.42 7.40 40.47
C PRO B 6 5.51 7.45 41.70
N LYS B 7 4.25 7.11 41.48
CA LYS B 7 3.34 6.88 42.56
C LYS B 7 3.35 5.37 42.72
N ILE B 8 3.47 4.88 43.94
CA ILE B 8 3.64 3.45 44.18
C ILE B 8 2.50 2.92 45.03
N GLN B 9 1.83 1.87 44.56
CA GLN B 9 0.82 1.20 45.36
C GLN B 9 1.23 -0.27 45.49
N VAL B 10 1.31 -0.74 46.74
CA VAL B 10 1.58 -2.13 47.05
C VAL B 10 0.32 -2.69 47.69
N TYR B 11 -0.18 -3.79 47.14
CA TYR B 11 -1.51 -4.29 47.42
C TYR B 11 -1.62 -5.69 46.86
N SER B 12 -2.63 -6.43 47.30
CA SER B 12 -2.84 -7.78 46.79
C SER B 12 -3.97 -7.80 45.77
N ARG B 13 -4.02 -8.84 44.94
CA ARG B 13 -5.04 -8.99 43.90
C ARG B 13 -6.42 -9.25 44.51
N HIS B 14 -6.48 -10.24 45.40
CA HIS B 14 -7.69 -10.59 46.11
C HIS B 14 -7.51 -10.15 47.56
N PRO B 15 -8.61 -10.04 48.35
CA PRO B 15 -8.45 -9.81 49.79
C PRO B 15 -7.63 -10.91 50.45
N ALA B 16 -6.64 -10.48 51.21
CA ALA B 16 -5.62 -11.36 51.74
C ALA B 16 -6.10 -12.19 52.91
N GLU B 17 -5.90 -13.50 52.81
CA GLU B 17 -6.08 -14.37 53.96
C GLU B 17 -4.95 -15.37 54.05
N ASN B 18 -4.41 -15.51 55.25
CA ASN B 18 -3.24 -16.31 55.53
C ASN B 18 -3.39 -17.79 55.23
N GLY B 19 -2.47 -18.32 54.43
CA GLY B 19 -2.52 -19.73 54.05
C GLY B 19 -3.17 -19.94 52.70
N LYS B 20 -3.65 -18.86 52.10
CA LYS B 20 -4.27 -18.95 50.78
C LYS B 20 -3.45 -18.18 49.76
N SER B 21 -3.12 -18.85 48.66
CA SER B 21 -2.26 -18.26 47.63
C SER B 21 -2.96 -17.15 46.87
N ASN B 22 -2.20 -16.12 46.57
CA ASN B 22 -2.72 -14.84 46.12
C ASN B 22 -1.63 -14.26 45.24
N PHE B 23 -1.84 -13.01 44.81
CA PHE B 23 -0.85 -12.27 44.03
C PHE B 23 -0.55 -10.92 44.67
N LEU B 24 0.73 -10.63 44.82
CA LEU B 24 1.18 -9.37 45.39
C LEU B 24 1.56 -8.43 44.26
N ASN B 25 0.97 -7.25 44.26
CA ASN B 25 1.13 -6.29 43.18
C ASN B 25 1.90 -5.08 43.62
N CYS B 26 2.81 -4.62 42.77
CA CYS B 26 3.36 -3.28 42.92
C CYS B 26 3.06 -2.48 41.65
N TYR B 27 2.20 -1.49 41.79
CA TYR B 27 1.83 -0.64 40.69
C TYR B 27 2.58 0.67 40.77
N VAL B 28 3.48 0.88 39.82
CA VAL B 28 4.17 2.16 39.73
C VAL B 28 3.58 3.00 38.59
N SER B 29 3.09 4.19 38.90
CA SER B 29 2.47 4.98 37.85
C SER B 29 2.87 6.44 37.92
N GLY B 30 2.64 7.14 36.83
CA GLY B 30 2.75 8.60 36.86
C GLY B 30 4.20 9.03 36.71
N PHE B 31 5.06 8.14 36.22
CA PHE B 31 6.49 8.44 36.12
C PHE B 31 7.02 8.81 34.73
N HIS B 32 8.15 9.50 34.72
CA HIS B 32 8.84 9.91 33.50
C HIS B 32 10.24 10.29 33.95
N PRO B 33 11.27 9.77 33.27
CA PRO B 33 11.33 8.89 32.11
C PRO B 33 11.00 7.44 32.42
N SER B 34 11.01 6.62 31.39
CA SER B 34 10.56 5.23 31.47
C SER B 34 11.48 4.30 32.27
N ASP B 35 12.75 4.68 32.38
CA ASP B 35 13.75 3.95 33.16
C ASP B 35 13.41 3.89 34.62
N ILE B 36 13.21 2.67 35.13
CA ILE B 36 12.75 2.44 36.49
C ILE B 36 13.14 1.04 36.91
N GLU B 37 13.55 0.90 38.15
CA GLU B 37 13.93 -0.36 38.74
C GLU B 37 12.90 -0.67 39.81
N VAL B 38 12.16 -1.77 39.64
CA VAL B 38 11.17 -2.19 40.61
C VAL B 38 11.49 -3.59 41.08
N ASP B 39 11.67 -3.78 42.39
CA ASP B 39 11.74 -5.14 42.95
C ASP B 39 10.75 -5.37 44.06
N LEU B 40 10.30 -6.60 44.18
CA LEU B 40 9.42 -6.96 45.29
C LEU B 40 10.23 -7.69 46.35
N LEU B 41 9.99 -7.35 47.61
CA LEU B 41 10.79 -7.88 48.71
C LEU B 41 9.97 -8.76 49.65
N LYS B 42 10.53 -9.89 50.05
CA LYS B 42 9.97 -10.71 51.11
C LYS B 42 10.96 -10.73 52.26
N ASN B 43 10.55 -10.13 53.38
CA ASN B 43 11.40 -9.89 54.54
C ASN B 43 12.69 -9.13 54.19
N GLY B 44 12.57 -8.15 53.29
CA GLY B 44 13.69 -7.31 52.90
C GLY B 44 14.64 -7.91 51.88
N GLU B 45 14.36 -9.14 51.46
CA GLU B 45 15.12 -9.81 50.40
C GLU B 45 14.31 -9.96 49.11
N ARG B 46 14.99 -9.72 48.00
CA ARG B 46 14.48 -9.73 46.63
C ARG B 46 13.73 -10.99 46.20
N ILE B 47 12.54 -10.81 45.64
CA ILE B 47 11.83 -11.92 45.02
C ILE B 47 12.27 -11.99 43.54
N GLU B 48 12.62 -13.20 43.08
CA GLU B 48 13.09 -13.44 41.71
C GLU B 48 11.96 -13.56 40.70
N LYS B 49 10.97 -14.42 41.01
CA LYS B 49 9.90 -14.72 40.07
C LYS B 49 8.80 -13.68 40.13
N VAL B 50 9.12 -12.52 39.57
CA VAL B 50 8.23 -11.39 39.51
C VAL B 50 8.01 -11.13 38.02
N GLU B 51 6.76 -11.01 37.60
CA GLU B 51 6.44 -10.72 36.23
C GLU B 51 6.13 -9.24 36.18
N HIS B 52 6.16 -8.67 34.98
CA HIS B 52 5.66 -7.30 34.84
C HIS B 52 4.95 -7.05 33.53
N SER B 53 4.17 -5.97 33.51
CA SER B 53 3.35 -5.63 32.37
C SER B 53 4.18 -4.93 31.28
N ASP B 54 3.60 -4.75 30.10
CA ASP B 54 4.28 -3.99 29.08
C ASP B 54 4.03 -2.52 29.31
N LEU B 55 5.09 -1.74 29.14
CA LEU B 55 5.07 -0.31 29.41
C LEU B 55 4.11 0.39 28.50
N SER B 56 3.28 1.22 29.12
CA SER B 56 2.23 1.92 28.39
C SER B 56 2.08 3.21 29.19
N PHE B 57 1.23 4.11 28.76
CA PHE B 57 1.26 5.46 29.37
C PHE B 57 -0.12 6.13 29.41
N SER B 58 -0.28 7.10 30.29
CA SER B 58 -1.59 7.69 30.54
C SER B 58 -1.82 8.91 29.66
N LYS B 59 -2.93 9.61 29.88
CA LYS B 59 -3.28 10.79 29.07
C LYS B 59 -2.23 11.90 29.12
N ASP B 60 -1.59 12.04 30.28
CA ASP B 60 -0.62 13.11 30.53
C ASP B 60 0.81 12.78 30.07
N TRP B 61 0.94 11.62 29.40
CA TRP B 61 2.17 11.06 28.84
C TRP B 61 3.04 10.29 29.85
N SER B 62 2.54 10.01 31.05
CA SER B 62 3.35 9.40 32.12
C SER B 62 3.14 7.89 32.15
N PHE B 63 4.19 7.14 32.46
CA PHE B 63 4.13 5.68 32.28
C PHE B 63 3.52 4.98 33.46
N TYR B 64 3.17 3.72 33.26
CA TYR B 64 2.69 2.91 34.35
C TYR B 64 3.14 1.49 34.10
N LEU B 65 3.35 0.74 35.17
CA LEU B 65 3.89 -0.60 35.03
C LEU B 65 3.34 -1.33 36.21
N LEU B 66 2.93 -2.57 36.03
CA LEU B 66 2.49 -3.34 37.17
C LEU B 66 3.49 -4.47 37.34
N TYR B 67 4.02 -4.61 38.55
CA TYR B 67 4.90 -5.74 38.90
C TYR B 67 4.15 -6.61 39.87
N TYR B 68 4.21 -7.91 39.64
CA TYR B 68 3.42 -8.83 40.41
C TYR B 68 4.11 -10.15 40.62
N THR B 69 3.81 -10.80 41.75
CA THR B 69 4.36 -12.11 42.06
C THR B 69 3.32 -12.93 42.81
N GLU B 70 3.37 -14.25 42.65
CA GLU B 70 2.46 -15.14 43.33
C GLU B 70 3.00 -15.39 44.74
N PHE B 71 2.11 -15.30 45.74
CA PHE B 71 2.54 -15.37 47.13
C PHE B 71 1.47 -15.98 48.04
N THR B 72 1.88 -16.41 49.23
CA THR B 72 0.94 -16.83 50.24
C THR B 72 1.24 -16.05 51.52
N PRO B 73 0.35 -15.09 51.86
CA PRO B 73 0.51 -14.20 53.01
C PRO B 73 0.42 -14.95 54.33
N THR B 74 1.15 -14.49 55.34
CA THR B 74 1.12 -15.06 56.69
C THR B 74 1.10 -13.88 57.65
N GLU B 75 1.04 -14.16 58.95
CA GLU B 75 1.16 -13.10 59.95
C GLU B 75 2.61 -12.61 60.10
N LYS B 76 3.56 -13.53 59.92
CA LYS B 76 4.99 -13.22 60.13
C LYS B 76 5.68 -12.51 58.93
N ASP B 77 5.35 -12.92 57.70
CA ASP B 77 6.05 -12.42 56.51
C ASP B 77 5.69 -10.98 56.15
N GLU B 78 6.72 -10.15 56.01
CA GLU B 78 6.58 -8.75 55.67
C GLU B 78 6.96 -8.58 54.19
N TYR B 79 6.07 -7.96 53.43
CA TYR B 79 6.30 -7.76 52.02
C TYR B 79 6.44 -6.29 51.69
N ALA B 80 7.22 -5.98 50.66
CA ALA B 80 7.45 -4.59 50.29
C ALA B 80 7.75 -4.40 48.81
N CYS B 81 7.75 -3.17 48.33
CA CYS B 81 8.18 -2.89 46.96
C CYS B 81 9.32 -1.88 46.97
N ARG B 82 10.42 -2.21 46.30
CA ARG B 82 11.54 -1.26 46.20
C ARG B 82 11.62 -0.59 44.81
N VAL B 83 11.53 0.74 44.79
CA VAL B 83 11.54 1.49 43.53
C VAL B 83 12.74 2.44 43.43
N ASN B 84 13.42 2.42 42.29
CA ASN B 84 14.51 3.33 42.02
C ASN B 84 14.27 3.97 40.64
N HIS B 85 14.65 5.24 40.55
CA HIS B 85 14.26 6.12 39.46
C HIS B 85 15.12 7.37 39.72
N VAL B 86 15.45 8.13 38.67
CA VAL B 86 16.27 9.35 38.78
C VAL B 86 15.69 10.42 39.69
N THR B 87 14.38 10.41 39.88
CA THR B 87 13.73 11.41 40.69
C THR B 87 13.94 11.17 42.20
N LEU B 88 14.40 9.96 42.54
CA LEU B 88 14.64 9.55 43.92
C LEU B 88 16.11 9.62 44.27
N SER B 89 16.44 10.25 45.39
CA SER B 89 17.83 10.38 45.83
C SER B 89 18.42 9.07 46.34
N GLN B 90 17.56 8.19 46.86
CA GLN B 90 17.93 6.86 47.31
C GLN B 90 16.74 6.02 46.94
N PRO B 91 16.92 4.69 46.69
CA PRO B 91 15.78 3.82 46.41
C PRO B 91 14.71 3.75 47.52
N LYS B 92 13.46 3.78 47.07
CA LYS B 92 12.28 3.93 47.90
C LYS B 92 11.71 2.56 48.28
N ILE B 93 11.41 2.35 49.55
CA ILE B 93 10.70 1.13 49.96
C ILE B 93 9.28 1.46 50.44
N VAL B 94 8.29 0.88 49.78
CA VAL B 94 6.92 0.95 50.27
C VAL B 94 6.50 -0.45 50.71
N LYS B 95 6.10 -0.57 51.96
CA LYS B 95 5.66 -1.84 52.51
C LYS B 95 4.21 -2.15 52.14
N TRP B 96 3.91 -3.45 52.05
CA TRP B 96 2.54 -3.90 51.91
C TRP B 96 1.76 -3.67 53.21
N ASP B 97 0.75 -2.81 53.13
CA ASP B 97 -0.16 -2.60 54.25
C ASP B 97 -1.40 -3.40 53.92
N ARG B 98 -1.68 -4.41 54.75
CA ARG B 98 -2.74 -5.38 54.50
C ARG B 98 -4.18 -4.82 54.47
N ASP B 99 -4.43 -3.75 55.22
CA ASP B 99 -5.71 -3.03 55.13
C ASP B 99 -5.68 -1.87 54.11
N MET B 100 -4.83 -1.99 53.09
CA MET B 100 -4.70 -1.00 52.00
C MET B 100 -4.40 -1.65 50.64
N LEU C 1 -5.70 -3.70 14.51
CA LEU C 1 -4.82 -3.62 13.33
C LEU C 1 -4.13 -2.26 13.24
N LEU C 2 -2.81 -2.26 13.22
CA LEU C 2 -2.01 -1.04 13.14
C LEU C 2 -2.15 -0.30 11.82
N PHE C 3 -1.86 0.98 11.89
CA PHE C 3 -1.90 1.89 10.79
C PHE C 3 -0.74 1.60 9.87
N GLY C 4 -1.01 1.54 8.58
CA GLY C 4 -0.02 1.06 7.64
C GLY C 4 0.93 2.10 7.09
N PHE C 5 0.72 3.39 7.41
CA PHE C 5 1.53 4.41 6.73
C PHE C 5 2.24 5.46 7.60
N PRO C 6 3.10 5.04 8.56
CA PRO C 6 3.70 6.06 9.43
C PRO C 6 4.85 6.82 8.74
N VAL C 7 4.97 8.10 9.07
CA VAL C 7 5.83 9.04 8.37
C VAL C 7 6.71 9.74 9.40
N TYR C 8 7.96 10.01 9.01
CA TYR C 8 8.97 10.66 9.83
C TYR C 8 8.56 12.08 10.26
N VAL C 9 8.96 12.48 11.46
CA VAL C 9 8.81 13.86 11.85
C VAL C 9 9.89 14.72 11.15
N LYS D 1 -2.91 -16.76 -5.74
CA LYS D 1 -3.43 -15.47 -6.28
C LYS D 1 -3.98 -14.64 -5.13
N GLU D 2 -3.27 -13.57 -4.82
CA GLU D 2 -3.71 -12.64 -3.79
C GLU D 2 -4.83 -11.78 -4.35
N VAL D 3 -4.64 -11.31 -5.57
CA VAL D 3 -5.59 -10.43 -6.21
C VAL D 3 -6.18 -11.11 -7.46
N GLU D 4 -7.51 -11.10 -7.58
CA GLU D 4 -8.19 -11.75 -8.69
C GLU D 4 -8.96 -10.76 -9.53
N GLN D 5 -8.65 -10.68 -10.82
CA GLN D 5 -9.28 -9.73 -11.72
C GLN D 5 -10.02 -10.49 -12.82
N ASN D 6 -11.08 -9.90 -13.36
CA ASN D 6 -11.88 -10.54 -14.42
C ASN D 6 -11.20 -10.69 -15.78
N SER D 7 -11.70 -11.69 -16.50
CA SER D 7 -11.77 -11.78 -17.96
C SER D 7 -10.64 -11.14 -18.77
N GLY D 8 -11.06 -10.28 -19.68
CA GLY D 8 -10.19 -9.88 -20.73
C GLY D 8 -10.49 -10.83 -21.87
N PRO D 9 -10.90 -10.28 -23.01
CA PRO D 9 -11.10 -8.85 -23.16
C PRO D 9 -12.51 -8.34 -22.86
N LEU D 10 -12.60 -7.07 -22.50
CA LEU D 10 -13.87 -6.44 -22.19
C LEU D 10 -14.24 -5.45 -23.30
N SER D 11 -15.14 -5.83 -24.19
CA SER D 11 -15.47 -5.00 -25.34
C SER D 11 -16.66 -4.10 -25.09
N VAL D 12 -16.42 -2.80 -25.17
CA VAL D 12 -17.44 -1.80 -24.91
C VAL D 12 -17.36 -0.71 -25.98
N PRO D 13 -18.51 -0.27 -26.52
CA PRO D 13 -18.50 0.80 -27.51
C PRO D 13 -18.27 2.16 -26.91
N GLU D 14 -17.93 3.14 -27.73
CA GLU D 14 -17.69 4.50 -27.23
C GLU D 14 -18.99 5.13 -26.68
N GLY D 15 -18.85 5.82 -25.56
CA GLY D 15 -19.98 6.39 -24.85
C GLY D 15 -20.47 5.49 -23.71
N ALA D 16 -20.16 4.21 -23.80
CA ALA D 16 -20.67 3.24 -22.84
C ALA D 16 -19.79 3.18 -21.61
N ILE D 17 -20.28 2.42 -20.63
CA ILE D 17 -19.63 2.25 -19.35
C ILE D 17 -18.84 0.94 -19.33
N ALA D 18 -17.55 1.05 -19.00
CA ALA D 18 -16.72 -0.10 -18.70
C ALA D 18 -16.63 -0.28 -17.19
N SER D 19 -17.13 -1.39 -16.68
CA SER D 19 -17.01 -1.66 -15.26
C SER D 19 -16.03 -2.80 -15.01
N LEU D 20 -15.01 -2.50 -14.24
CA LEU D 20 -13.96 -3.44 -13.90
C LEU D 20 -14.07 -3.79 -12.44
N ASN D 21 -13.88 -5.06 -12.10
CA ASN D 21 -14.00 -5.57 -10.74
C ASN D 21 -12.66 -6.12 -10.33
N CYS D 22 -12.36 -6.13 -9.03
CA CYS D 22 -11.34 -7.06 -8.50
C CYS D 22 -11.54 -7.45 -7.05
N THR D 23 -11.06 -8.64 -6.73
CA THR D 23 -11.20 -9.24 -5.43
C THR D 23 -9.78 -9.36 -4.85
N TYR D 24 -9.62 -9.13 -3.56
CA TYR D 24 -8.34 -9.40 -2.89
C TYR D 24 -8.55 -10.32 -1.68
N SER D 25 -7.46 -10.87 -1.17
CA SER D 25 -7.58 -11.88 -0.12
C SER D 25 -7.10 -11.46 1.26
N ASP D 26 -6.13 -10.57 1.34
CA ASP D 26 -5.67 -10.08 2.65
C ASP D 26 -6.69 -9.10 3.24
N ARG D 27 -7.24 -9.47 4.39
CA ARG D 27 -8.25 -8.67 5.09
C ARG D 27 -7.71 -7.35 5.64
N GLY D 28 -6.40 -7.29 5.86
CA GLY D 28 -5.77 -6.11 6.46
C GLY D 28 -5.19 -5.15 5.45
N SER D 29 -5.68 -5.19 4.23
CA SER D 29 -5.24 -4.30 3.17
C SER D 29 -5.79 -2.90 3.39
N GLN D 30 -4.96 -1.89 3.17
CA GLN D 30 -5.34 -0.54 3.53
C GLN D 30 -5.33 0.43 2.35
N SER D 31 -4.65 0.05 1.27
CA SER D 31 -4.50 0.89 0.09
C SER D 31 -4.79 0.17 -1.23
N PHE D 32 -5.54 0.83 -2.11
CA PHE D 32 -6.14 0.18 -3.26
C PHE D 32 -5.96 1.06 -4.50
N PHE D 33 -5.51 0.45 -5.59
CA PHE D 33 -5.02 1.20 -6.75
C PHE D 33 -5.56 0.72 -8.07
N TRP D 34 -5.61 1.61 -9.06
CA TRP D 34 -5.93 1.22 -10.44
C TRP D 34 -4.88 1.76 -11.36
N TYR D 35 -4.31 0.88 -12.19
CA TYR D 35 -3.31 1.29 -13.15
C TYR D 35 -3.86 1.08 -14.55
N ARG D 36 -3.40 1.89 -15.48
CA ARG D 36 -3.73 1.74 -16.88
C ARG D 36 -2.45 1.45 -17.63
N GLN D 37 -2.42 0.35 -18.38
CA GLN D 37 -1.24 0.06 -19.18
C GLN D 37 -1.58 -0.11 -20.66
N TYR D 38 -1.15 0.85 -21.47
CA TYR D 38 -1.28 0.74 -22.91
C TYR D 38 -0.27 -0.28 -23.42
N SER D 39 -0.57 -0.87 -24.57
CA SER D 39 0.26 -1.90 -25.19
C SER D 39 1.67 -1.37 -25.50
N GLY D 40 2.69 -2.03 -24.97
CA GLY D 40 4.06 -1.59 -25.17
C GLY D 40 4.51 -0.45 -24.28
N LYS D 41 3.69 -0.07 -23.31
CA LYS D 41 3.97 1.07 -22.43
C LYS D 41 4.08 0.57 -20.99
N SER D 42 4.14 1.50 -20.05
CA SER D 42 4.36 1.18 -18.66
C SER D 42 3.05 1.39 -17.90
N PRO D 43 2.83 0.65 -16.77
CA PRO D 43 1.58 0.87 -16.03
C PRO D 43 1.54 2.26 -15.41
N GLU D 44 0.42 2.95 -15.59
CA GLU D 44 0.27 4.33 -15.17
C GLU D 44 -0.87 4.44 -14.17
N LEU D 45 -0.60 5.00 -13.00
CA LEU D 45 -1.59 5.08 -11.94
C LEU D 45 -2.73 6.04 -12.28
N ILE D 46 -3.95 5.56 -12.23
CA ILE D 46 -5.06 6.41 -12.57
C ILE D 46 -6.02 6.72 -11.42
N MET D 47 -6.10 5.83 -10.43
CA MET D 47 -7.02 5.99 -9.30
C MET D 47 -6.44 5.31 -8.06
N SER D 48 -6.57 6.01 -6.93
CA SER D 48 -6.17 5.51 -5.61
C SER D 48 -7.37 5.68 -4.70
N ILE D 49 -7.67 4.68 -3.87
CA ILE D 49 -8.82 4.81 -2.96
C ILE D 49 -8.45 4.22 -1.58
N TYR D 50 -8.90 4.85 -0.50
CA TYR D 50 -8.42 4.46 0.82
C TYR D 50 -9.50 4.15 1.87
N SER D 51 -10.75 4.51 1.57
CA SER D 51 -11.86 4.29 2.50
C SER D 51 -12.98 3.64 1.71
N ASN D 52 -13.88 2.93 2.40
CA ASN D 52 -15.09 2.38 1.78
C ASN D 52 -15.93 3.44 1.08
N GLY D 53 -16.49 3.09 -0.07
CA GLY D 53 -17.38 4.01 -0.78
C GLY D 53 -16.84 4.38 -2.13
N ASP D 54 -17.30 5.49 -2.68
CA ASP D 54 -16.97 5.89 -4.05
C ASP D 54 -15.93 6.99 -4.10
N LYS D 55 -15.17 7.04 -5.18
CA LYS D 55 -14.29 8.16 -5.44
C LYS D 55 -14.33 8.50 -6.91
N GLU D 56 -14.73 9.72 -7.22
CA GLU D 56 -14.86 10.11 -8.60
C GLU D 56 -13.68 11.00 -8.98
N ASP D 57 -13.25 10.88 -10.23
CA ASP D 57 -12.22 11.75 -10.79
C ASP D 57 -12.37 11.78 -12.29
N GLY D 58 -13.16 12.73 -12.76
CA GLY D 58 -13.51 12.82 -14.16
C GLY D 58 -14.44 11.70 -14.56
N ARG D 59 -14.02 10.94 -15.57
CA ARG D 59 -14.83 9.86 -16.07
C ARG D 59 -14.67 8.61 -15.21
N PHE D 60 -13.61 8.58 -14.40
CA PHE D 60 -13.31 7.44 -13.54
C PHE D 60 -14.08 7.48 -12.23
N THR D 61 -14.63 6.33 -11.85
CA THR D 61 -15.20 6.19 -10.53
C THR D 61 -14.65 4.90 -9.95
N ALA D 62 -13.95 5.01 -8.82
CA ALA D 62 -13.47 3.82 -8.12
C ALA D 62 -14.34 3.57 -6.90
N GLN D 63 -14.79 2.34 -6.69
CA GLN D 63 -15.52 1.98 -5.49
C GLN D 63 -14.69 1.04 -4.62
N LEU D 64 -14.87 1.11 -3.31
CA LEU D 64 -14.25 0.13 -2.43
C LEU D 64 -15.25 -0.47 -1.43
N ASN D 65 -15.26 -1.79 -1.36
CA ASN D 65 -16.04 -2.53 -0.37
C ASN D 65 -15.08 -3.47 0.35
N LYS D 66 -14.60 -3.05 1.52
CA LYS D 66 -13.65 -3.82 2.32
C LYS D 66 -14.25 -5.05 2.99
N ALA D 67 -15.57 -5.04 3.21
CA ALA D 67 -16.28 -6.12 3.87
C ALA D 67 -16.42 -7.34 2.96
N SER D 68 -16.55 -7.07 1.67
CA SER D 68 -16.58 -8.12 0.66
C SER D 68 -15.27 -8.22 -0.09
N GLN D 69 -14.32 -7.35 0.28
CA GLN D 69 -12.96 -7.28 -0.29
C GLN D 69 -12.94 -7.10 -1.79
N TYR D 70 -13.49 -5.99 -2.22
CA TYR D 70 -13.88 -5.82 -3.60
C TYR D 70 -13.52 -4.41 -4.00
N VAL D 71 -12.73 -4.27 -5.06
CA VAL D 71 -12.42 -2.94 -5.58
C VAL D 71 -13.00 -2.89 -6.98
N SER D 72 -13.56 -1.75 -7.35
CA SER D 72 -14.05 -1.62 -8.70
C SER D 72 -13.70 -0.29 -9.36
N LEU D 73 -13.73 -0.27 -10.69
CA LEU D 73 -13.47 0.94 -11.47
C LEU D 73 -14.51 1.08 -12.55
N LEU D 74 -15.18 2.24 -12.57
CA LEU D 74 -16.14 2.58 -13.61
C LEU D 74 -15.50 3.59 -14.54
N ILE D 75 -15.56 3.33 -15.83
CA ILE D 75 -15.15 4.31 -16.83
C ILE D 75 -16.39 4.71 -17.62
N ARG D 76 -16.92 5.90 -17.35
CA ARG D 76 -18.10 6.41 -18.07
C ARG D 76 -17.71 7.15 -19.32
N ASP D 77 -18.59 7.14 -20.33
CA ASP D 77 -18.42 7.83 -21.60
C ASP D 77 -17.07 7.44 -22.21
N SER D 78 -16.96 6.17 -22.57
CA SER D 78 -15.70 5.60 -23.04
C SER D 78 -15.19 6.28 -24.31
N GLN D 79 -13.90 6.60 -24.29
CA GLN D 79 -13.19 7.30 -25.36
C GLN D 79 -12.38 6.15 -25.99
N PRO D 80 -12.00 6.26 -27.28
CA PRO D 80 -11.13 5.23 -27.90
C PRO D 80 -9.75 5.09 -27.24
N SER D 81 -9.29 6.19 -26.64
CA SER D 81 -8.06 6.24 -25.88
C SER D 81 -8.13 5.58 -24.48
N ASP D 82 -9.25 4.93 -24.17
CA ASP D 82 -9.39 4.20 -22.92
C ASP D 82 -9.00 2.75 -23.15
N SER D 83 -8.78 2.38 -24.40
CA SER D 83 -8.38 1.01 -24.74
C SER D 83 -6.99 0.62 -24.19
N ALA D 84 -6.98 -0.21 -23.15
CA ALA D 84 -5.75 -0.64 -22.47
C ALA D 84 -5.98 -1.86 -21.57
N THR D 85 -4.94 -2.28 -20.85
CA THR D 85 -5.09 -3.24 -19.76
C THR D 85 -5.14 -2.46 -18.45
N TYR D 86 -6.12 -2.79 -17.62
CA TYR D 86 -6.29 -2.15 -16.35
C TYR D 86 -5.99 -3.12 -15.23
N LEU D 87 -5.06 -2.71 -14.37
CA LEU D 87 -4.55 -3.55 -13.29
C LEU D 87 -4.99 -2.98 -11.95
N CYS D 88 -5.61 -3.80 -11.10
CA CYS D 88 -5.79 -3.32 -9.72
C CYS D 88 -4.62 -3.78 -8.85
N ALA D 89 -4.29 -2.93 -7.90
CA ALA D 89 -3.18 -3.18 -7.03
C ALA D 89 -3.63 -2.90 -5.61
N VAL D 90 -3.14 -3.72 -4.69
CA VAL D 90 -3.64 -3.72 -3.33
C VAL D 90 -2.42 -3.80 -2.38
N THR D 91 -2.38 -2.97 -1.33
CA THR D 91 -1.36 -3.16 -0.29
C THR D 91 -1.86 -3.00 1.16
N THR D 92 -1.05 -3.48 2.10
CA THR D 92 -1.38 -3.46 3.53
C THR D 92 -0.75 -2.27 4.25
N ASP D 93 0.42 -1.85 3.79
CA ASP D 93 1.21 -0.87 4.47
C ASP D 93 2.34 -0.48 3.60
N SER D 94 3.11 0.52 4.05
CA SER D 94 4.22 1.02 3.28
C SER D 94 5.43 0.14 3.12
N TRP D 95 5.47 -0.99 3.82
CA TRP D 95 6.55 -1.98 3.64
C TRP D 95 5.99 -3.28 3.08
N GLY D 96 4.69 -3.29 2.82
CA GLY D 96 4.06 -4.47 2.25
C GLY D 96 4.15 -4.39 0.75
N LYS D 97 4.51 -5.52 0.12
CA LYS D 97 4.41 -5.74 -1.31
C LYS D 97 3.11 -5.21 -1.93
N LEU D 98 3.24 -4.49 -3.03
CA LEU D 98 2.07 -4.09 -3.79
C LEU D 98 1.67 -5.32 -4.57
N GLN D 99 0.43 -5.75 -4.35
CA GLN D 99 -0.08 -6.97 -4.92
C GLN D 99 -0.93 -6.65 -6.14
N PHE D 100 -0.49 -7.13 -7.32
CA PHE D 100 -1.13 -6.78 -8.57
C PHE D 100 -2.05 -7.89 -9.06
N GLY D 101 -3.20 -7.51 -9.60
CA GLY D 101 -4.01 -8.50 -10.28
C GLY D 101 -3.48 -8.66 -11.69
N ALA D 102 -3.94 -9.71 -12.37
CA ALA D 102 -3.46 -10.04 -13.72
C ALA D 102 -3.81 -9.00 -14.78
N GLY D 103 -4.93 -8.32 -14.59
CA GLY D 103 -5.31 -7.31 -15.55
C GLY D 103 -6.51 -7.74 -16.34
N THR D 104 -7.37 -6.78 -16.67
CA THR D 104 -8.40 -7.00 -17.65
C THR D 104 -8.23 -6.01 -18.78
N GLN D 105 -8.12 -6.55 -19.99
CA GLN D 105 -8.02 -5.72 -21.16
C GLN D 105 -9.37 -5.15 -21.57
N VAL D 106 -9.45 -3.83 -21.70
CA VAL D 106 -10.67 -3.15 -22.13
C VAL D 106 -10.55 -2.67 -23.58
N VAL D 107 -11.46 -3.10 -24.44
CA VAL D 107 -11.45 -2.67 -25.84
C VAL D 107 -12.59 -1.71 -26.10
N VAL D 108 -12.27 -0.47 -26.43
CA VAL D 108 -13.28 0.51 -26.81
C VAL D 108 -13.43 0.53 -28.34
N THR D 109 -14.64 0.22 -28.79
CA THR D 109 -14.91 0.08 -30.20
C THR D 109 -15.66 1.31 -30.72
N PRO D 110 -15.33 1.76 -31.94
CA PRO D 110 -15.96 2.94 -32.55
C PRO D 110 -17.43 2.76 -32.93
N ASP D 111 -18.22 3.83 -32.76
CA ASP D 111 -19.54 3.93 -33.36
C ASP D 111 -19.24 4.10 -34.82
N ILE D 112 -19.65 3.16 -35.64
CA ILE D 112 -19.54 3.41 -37.05
C ILE D 112 -20.96 3.44 -37.67
N GLN D 113 -21.34 4.65 -38.07
CA GLN D 113 -22.73 5.05 -38.40
C GLN D 113 -23.43 4.17 -39.43
N ASN D 114 -22.86 4.09 -40.63
CA ASN D 114 -23.23 3.03 -41.56
C ASN D 114 -22.02 2.42 -42.26
N PRO D 115 -21.73 1.15 -41.94
CA PRO D 115 -20.68 0.35 -42.53
C PRO D 115 -20.78 0.19 -44.04
N ASP D 116 -19.62 0.06 -44.64
CA ASP D 116 -19.50 -0.24 -46.04
C ASP D 116 -18.40 -1.29 -46.16
N PRO D 117 -18.66 -2.53 -45.68
CA PRO D 117 -17.56 -3.50 -45.62
C PRO D 117 -17.08 -3.87 -47.01
N ALA D 118 -15.76 -3.98 -47.15
CA ALA D 118 -15.16 -4.16 -48.45
C ALA D 118 -13.77 -4.73 -48.28
N VAL D 119 -13.39 -5.60 -49.20
CA VAL D 119 -12.02 -6.09 -49.28
C VAL D 119 -11.36 -5.55 -50.56
N TYR D 120 -10.21 -4.88 -50.41
CA TYR D 120 -9.52 -4.27 -51.55
C TYR D 120 -8.13 -4.86 -51.77
N GLN D 121 -7.73 -4.98 -53.03
CA GLN D 121 -6.37 -5.41 -53.41
C GLN D 121 -5.48 -4.19 -53.61
N LEU D 122 -4.44 -4.03 -52.79
CA LEU D 122 -3.57 -2.87 -52.91
C LEU D 122 -2.36 -3.20 -53.76
N ARG D 123 -1.97 -2.27 -54.62
CA ARG D 123 -0.78 -2.48 -55.44
C ARG D 123 0.49 -1.98 -54.77
N ASP D 124 1.58 -2.70 -55.03
CA ASP D 124 2.87 -2.39 -54.44
C ASP D 124 3.53 -1.23 -55.18
N SER D 125 4.32 -0.42 -54.46
CA SER D 125 5.31 0.47 -55.09
C SER D 125 6.54 -0.38 -55.42
N LYS D 126 6.43 -1.21 -56.45
CA LYS D 126 7.09 -2.53 -56.54
C LYS D 126 8.61 -2.63 -56.42
N SER D 127 9.02 -3.17 -55.27
CA SER D 127 10.39 -3.56 -54.98
C SER D 127 10.30 -4.73 -54.01
N SER D 128 9.07 -4.99 -53.56
CA SER D 128 8.77 -6.05 -52.60
C SER D 128 7.98 -7.19 -53.25
N ASP D 129 8.05 -8.38 -52.65
CA ASP D 129 7.52 -9.59 -53.27
C ASP D 129 6.17 -10.05 -52.72
N LYS D 130 5.33 -9.13 -52.28
CA LYS D 130 3.99 -9.51 -51.79
C LYS D 130 2.84 -8.72 -52.38
N SER D 131 1.62 -9.18 -52.11
CA SER D 131 0.39 -8.47 -52.44
C SER D 131 -0.36 -8.27 -51.14
N VAL D 132 -1.07 -7.15 -51.01
CA VAL D 132 -1.78 -6.85 -49.76
C VAL D 132 -3.29 -6.73 -49.97
N CYS D 133 -4.07 -7.46 -49.17
CA CYS D 133 -5.51 -7.29 -49.11
C CYS D 133 -5.94 -6.42 -47.93
N LEU D 134 -6.89 -5.53 -48.16
CA LEU D 134 -7.36 -4.68 -47.09
C LEU D 134 -8.88 -4.83 -46.86
N PHE D 135 -9.24 -5.44 -45.74
CA PHE D 135 -10.61 -5.57 -45.32
C PHE D 135 -10.86 -4.32 -44.52
N THR D 136 -11.82 -3.50 -44.93
CA THR D 136 -12.05 -2.22 -44.25
C THR D 136 -13.51 -1.78 -44.22
N ASP D 137 -13.78 -0.74 -43.42
CA ASP D 137 -15.10 -0.09 -43.25
C ASP D 137 -16.24 -0.97 -42.70
N PHE D 138 -15.86 -2.06 -42.03
CA PHE D 138 -16.83 -2.98 -41.45
C PHE D 138 -17.24 -2.57 -40.04
N ASP D 139 -18.31 -3.20 -39.56
CA ASP D 139 -18.87 -3.04 -38.23
C ASP D 139 -17.95 -3.47 -37.10
N SER D 140 -18.17 -2.89 -35.92
CA SER D 140 -17.40 -3.28 -34.75
C SER D 140 -17.89 -4.61 -34.16
N GLN D 141 -18.99 -5.12 -34.70
CA GLN D 141 -19.46 -6.47 -34.40
C GLN D 141 -18.63 -7.51 -35.13
N THR D 142 -18.10 -7.16 -36.29
CA THR D 142 -17.33 -8.06 -37.14
C THR D 142 -15.95 -8.37 -36.54
N ASN D 143 -15.67 -9.66 -36.34
CA ASN D 143 -14.36 -10.12 -35.89
C ASN D 143 -13.59 -10.75 -37.04
N VAL D 144 -12.33 -10.37 -37.21
CA VAL D 144 -11.52 -11.05 -38.20
C VAL D 144 -10.80 -12.23 -37.53
N SER D 145 -10.63 -13.30 -38.28
CA SER D 145 -9.96 -14.48 -37.76
C SER D 145 -8.55 -14.58 -38.29
N GLN D 146 -7.78 -15.47 -37.69
CA GLN D 146 -6.40 -15.69 -38.11
C GLN D 146 -6.37 -16.72 -39.23
N SER D 147 -5.16 -17.06 -39.65
CA SER D 147 -4.97 -17.94 -40.79
C SER D 147 -4.85 -19.41 -40.40
N LYS D 148 -5.66 -20.24 -41.05
CA LYS D 148 -5.48 -21.69 -40.99
C LYS D 148 -4.56 -22.14 -42.11
N ASP D 149 -4.23 -21.21 -43.00
CA ASP D 149 -3.25 -21.41 -44.05
C ASP D 149 -1.88 -20.96 -43.54
N SER D 150 -0.82 -21.60 -44.02
CA SER D 150 0.51 -21.36 -43.49
C SER D 150 1.18 -20.10 -44.04
N ASP D 151 1.20 -19.95 -45.36
CA ASP D 151 1.96 -18.88 -46.00
C ASP D 151 1.27 -17.51 -45.99
N VAL D 152 0.02 -17.46 -45.55
CA VAL D 152 -0.71 -16.18 -45.47
C VAL D 152 -0.70 -15.62 -44.03
N TYR D 153 -0.79 -14.30 -43.91
CA TYR D 153 -0.70 -13.61 -42.62
C TYR D 153 -1.82 -12.60 -42.48
N ILE D 154 -2.64 -12.73 -41.44
CA ILE D 154 -3.71 -11.75 -41.21
C ILE D 154 -3.48 -10.99 -39.89
N THR D 155 -3.51 -9.66 -39.94
CA THR D 155 -3.39 -8.86 -38.73
C THR D 155 -4.70 -8.80 -37.96
N ASP D 156 -4.61 -8.28 -36.74
CA ASP D 156 -5.77 -8.01 -35.93
C ASP D 156 -6.46 -6.76 -36.45
N LYS D 157 -7.76 -6.67 -36.16
CA LYS D 157 -8.57 -5.49 -36.46
C LYS D 157 -8.09 -4.27 -35.65
N THR D 158 -7.80 -3.18 -36.33
CA THR D 158 -7.46 -1.94 -35.65
C THR D 158 -8.37 -0.82 -36.13
N VAL D 159 -8.42 0.28 -35.37
CA VAL D 159 -9.26 1.43 -35.66
C VAL D 159 -8.41 2.65 -35.98
N LEU D 160 -8.65 3.29 -37.12
CA LEU D 160 -8.06 4.60 -37.35
C LEU D 160 -9.10 5.71 -37.22
N ASP D 161 -8.62 6.92 -37.00
CA ASP D 161 -9.50 8.05 -36.77
C ASP D 161 -9.08 9.25 -37.62
N MET D 162 -9.89 9.52 -38.65
CA MET D 162 -9.67 10.67 -39.51
C MET D 162 -10.30 11.91 -38.89
N ARG D 163 -9.50 12.64 -38.11
CA ARG D 163 -9.97 13.86 -37.47
C ARG D 163 -10.08 15.02 -38.45
N SER D 164 -11.18 15.04 -39.20
CA SER D 164 -11.46 16.01 -40.26
C SER D 164 -12.90 15.81 -40.68
N MET D 165 -13.24 14.58 -41.04
CA MET D 165 -14.63 14.21 -41.33
C MET D 165 -15.35 13.76 -40.05
N ASP D 166 -14.57 13.65 -38.95
CA ASP D 166 -14.96 12.94 -37.73
C ASP D 166 -15.35 11.52 -38.13
N PHE D 167 -14.41 10.84 -38.78
CA PHE D 167 -14.64 9.55 -39.38
C PHE D 167 -13.75 8.49 -38.75
N LYS D 168 -14.37 7.43 -38.26
CA LYS D 168 -13.62 6.30 -37.71
C LYS D 168 -13.81 5.11 -38.65
N SER D 169 -12.79 4.29 -38.78
CA SER D 169 -12.92 3.06 -39.56
C SER D 169 -12.11 1.89 -39.04
N ASN D 170 -12.73 0.72 -39.00
CA ASN D 170 -12.03 -0.51 -38.65
C ASN D 170 -11.36 -1.06 -39.89
N SER D 171 -10.24 -1.74 -39.70
CA SER D 171 -9.56 -2.41 -40.81
C SER D 171 -8.71 -3.58 -40.38
N ALA D 172 -8.46 -4.49 -41.30
CA ALA D 172 -7.53 -5.59 -41.10
C ALA D 172 -6.81 -5.91 -42.42
N VAL D 173 -5.62 -6.47 -42.32
CA VAL D 173 -4.73 -6.63 -43.48
C VAL D 173 -4.32 -8.10 -43.68
N ALA D 174 -4.45 -8.61 -44.90
CA ALA D 174 -3.90 -9.91 -45.25
C ALA D 174 -2.85 -9.80 -46.35
N TRP D 175 -1.77 -10.59 -46.24
CA TRP D 175 -0.72 -10.62 -47.25
C TRP D 175 -0.05 -11.98 -47.40
N SER D 176 0.39 -12.29 -48.62
CA SER D 176 1.12 -13.52 -48.92
C SER D 176 1.94 -13.37 -50.18
N ASN D 177 2.52 -14.47 -50.65
CA ASN D 177 3.22 -14.50 -51.94
C ASN D 177 3.00 -15.74 -52.82
N LYS D 178 3.26 -16.92 -52.26
CA LYS D 178 3.71 -18.12 -53.01
C LYS D 178 2.94 -18.65 -54.26
N SER D 179 1.66 -18.31 -54.37
CA SER D 179 0.89 -18.60 -55.58
C SER D 179 -0.14 -17.50 -55.83
N ASP D 180 -1.27 -17.90 -56.42
CA ASP D 180 -2.36 -16.98 -56.71
C ASP D 180 -3.16 -16.65 -55.46
N PHE D 181 -2.62 -15.71 -54.68
CA PHE D 181 -3.26 -15.24 -53.48
C PHE D 181 -4.31 -14.23 -53.90
N ALA D 182 -5.58 -14.56 -53.65
CA ALA D 182 -6.67 -13.67 -54.04
C ALA D 182 -7.25 -12.99 -52.82
N CYS D 183 -7.85 -11.81 -53.01
CA CYS D 183 -8.51 -11.09 -51.93
C CYS D 183 -9.97 -11.49 -51.76
N ALA D 184 -10.48 -12.27 -52.70
CA ALA D 184 -11.83 -12.80 -52.61
C ALA D 184 -11.88 -14.06 -51.74
N ASN D 185 -10.70 -14.61 -51.45
CA ASN D 185 -10.56 -15.84 -50.67
C ASN D 185 -9.67 -15.66 -49.45
N ALA D 186 -9.11 -14.47 -49.27
CA ALA D 186 -8.15 -14.19 -48.19
C ALA D 186 -8.76 -14.23 -46.79
N PHE D 187 -9.98 -13.70 -46.67
CA PHE D 187 -10.67 -13.63 -45.39
C PHE D 187 -11.77 -14.69 -45.31
N ASN D 188 -11.40 -15.93 -45.63
CA ASN D 188 -12.33 -17.05 -45.64
C ASN D 188 -12.64 -17.60 -44.27
N ASN D 189 -11.65 -17.53 -43.37
CA ASN D 189 -11.80 -18.08 -42.03
C ASN D 189 -12.67 -17.20 -41.11
N SER D 190 -12.76 -15.92 -41.44
CA SER D 190 -13.55 -14.97 -40.68
C SER D 190 -15.01 -14.94 -41.11
N ILE D 191 -15.93 -14.69 -40.18
CA ILE D 191 -17.30 -14.41 -40.57
C ILE D 191 -17.42 -12.93 -40.94
N ILE D 192 -17.29 -12.68 -42.25
CA ILE D 192 -17.39 -11.34 -42.80
C ILE D 192 -18.84 -11.14 -43.24
N PRO D 193 -19.35 -9.89 -43.24
CA PRO D 193 -20.73 -9.61 -43.69
C PRO D 193 -21.07 -10.04 -45.12
N GLU D 194 -22.37 -10.25 -45.36
CA GLU D 194 -22.90 -10.70 -46.64
C GLU D 194 -22.68 -9.68 -47.73
N ASP D 195 -22.90 -8.42 -47.39
CA ASP D 195 -22.80 -7.31 -48.31
C ASP D 195 -21.39 -6.69 -48.34
N THR D 196 -20.37 -7.53 -48.21
CA THR D 196 -18.99 -7.09 -48.29
C THR D 196 -18.65 -6.88 -49.77
N PHE D 197 -18.23 -5.67 -50.09
CA PHE D 197 -17.96 -5.27 -51.47
C PHE D 197 -16.63 -5.82 -51.98
N PHE D 198 -16.70 -6.71 -52.96
CA PHE D 198 -15.51 -7.22 -53.64
C PHE D 198 -15.53 -6.66 -55.05
N PRO D 199 -14.65 -5.69 -55.33
CA PRO D 199 -14.48 -5.15 -56.68
C PRO D 199 -13.74 -6.14 -57.58
N SER D 200 -13.98 -6.08 -58.88
CA SER D 200 -13.40 -7.04 -59.80
C SER D 200 -11.98 -6.64 -60.25
N ASN E 1 10.11 17.11 -11.78
CA ASN E 1 10.43 15.83 -11.12
C ASN E 1 10.20 14.66 -12.07
N ALA E 2 11.10 14.49 -13.05
CA ALA E 2 11.20 13.27 -13.92
C ALA E 2 10.47 12.03 -13.44
N GLY E 3 10.62 11.74 -12.15
CA GLY E 3 9.97 10.60 -11.54
C GLY E 3 10.90 9.44 -11.87
N VAL E 4 10.33 8.28 -12.15
CA VAL E 4 11.17 7.09 -12.34
C VAL E 4 11.66 7.07 -13.76
N THR E 5 12.94 7.36 -13.94
CA THR E 5 13.54 7.17 -15.26
C THR E 5 14.16 5.78 -15.34
N GLN E 6 14.46 5.31 -16.55
CA GLN E 6 14.96 3.95 -16.77
C GLN E 6 15.61 3.96 -18.15
N THR E 7 16.77 3.31 -18.32
CA THR E 7 17.40 3.16 -19.65
C THR E 7 18.05 1.74 -19.70
N PRO E 8 18.21 1.13 -20.90
CA PRO E 8 17.79 1.48 -22.26
C PRO E 8 16.33 1.09 -22.48
N LYS E 9 15.67 1.53 -23.55
CA LYS E 9 14.29 1.08 -23.75
C LYS E 9 14.32 -0.27 -24.39
N PHE E 10 15.34 -0.52 -25.19
CA PHE E 10 15.44 -1.75 -25.92
C PHE E 10 16.87 -2.27 -25.84
N GLN E 11 17.05 -3.60 -25.88
CA GLN E 11 18.37 -4.24 -25.80
C GLN E 11 18.37 -5.71 -26.30
N VAL E 12 19.29 -6.05 -27.21
CA VAL E 12 19.50 -7.46 -27.56
C VAL E 12 20.72 -7.98 -26.84
N LEU E 13 20.51 -8.93 -25.95
CA LEU E 13 21.64 -9.56 -25.34
C LEU E 13 21.87 -10.91 -25.99
N LYS E 14 23.12 -11.32 -26.03
CA LYS E 14 23.48 -12.65 -26.52
C LYS E 14 23.75 -13.52 -25.30
N THR E 15 23.23 -14.76 -25.27
CA THR E 15 23.45 -15.72 -24.14
C THR E 15 24.84 -15.66 -23.50
N GLY E 16 24.87 -15.28 -22.21
CA GLY E 16 26.10 -15.27 -21.45
C GLY E 16 26.72 -13.89 -21.35
N GLN E 17 26.02 -12.86 -21.83
CA GLN E 17 26.52 -11.50 -21.70
C GLN E 17 25.96 -10.83 -20.46
N SER E 18 26.76 -9.97 -19.87
CA SER E 18 26.29 -9.21 -18.75
C SER E 18 25.75 -7.88 -19.25
N MET E 19 24.73 -7.38 -18.56
CA MET E 19 24.30 -6.01 -18.75
C MET E 19 23.70 -5.49 -17.48
N THR E 20 23.68 -4.17 -17.34
CA THR E 20 22.98 -3.55 -16.26
C THR E 20 21.86 -2.67 -16.81
N LEU E 21 20.72 -2.76 -16.15
CA LEU E 21 19.60 -1.87 -16.45
C LEU E 21 19.68 -0.76 -15.46
N GLN E 22 19.58 0.48 -15.91
CA GLN E 22 19.64 1.57 -14.97
C GLN E 22 18.25 2.01 -14.56
N CYS E 23 18.17 2.55 -13.35
CA CYS E 23 16.94 3.09 -12.86
C CYS E 23 17.23 4.21 -11.89
N ALA E 24 16.51 5.30 -12.04
CA ALA E 24 16.75 6.47 -11.22
C ALA E 24 15.43 7.07 -10.83
N GLN E 25 15.41 7.72 -9.67
CA GLN E 25 14.21 8.25 -9.14
C GLN E 25 14.50 9.59 -8.46
N ASP E 26 13.52 10.47 -8.50
CA ASP E 26 13.71 11.89 -8.34
C ASP E 26 13.09 12.35 -7.04
N MET E 27 12.34 11.44 -6.42
CA MET E 27 11.30 11.75 -5.51
C MET E 27 11.68 11.54 -4.06
N ASN E 28 12.95 11.21 -3.83
CA ASN E 28 13.47 10.76 -2.51
C ASN E 28 12.76 9.57 -1.87
N HIS E 29 12.15 8.75 -2.72
CA HIS E 29 11.47 7.57 -2.27
C HIS E 29 12.49 6.58 -1.72
N GLU E 30 12.10 5.93 -0.62
CA GLU E 30 12.92 4.92 0.02
C GLU E 30 12.80 3.55 -0.68
N TYR E 31 11.66 3.31 -1.29
CA TYR E 31 11.28 1.96 -1.61
C TYR E 31 11.26 1.84 -3.11
N MET E 32 12.23 1.11 -3.65
CA MET E 32 12.36 0.89 -5.06
C MET E 32 12.30 -0.62 -5.38
N SER E 33 11.75 -0.94 -6.55
CA SER E 33 11.43 -2.32 -6.91
C SER E 33 11.79 -2.58 -8.35
N TRP E 34 12.11 -3.83 -8.65
CA TRP E 34 12.22 -4.27 -10.04
C TRP E 34 11.27 -5.37 -10.34
N TYR E 35 10.64 -5.29 -11.50
CA TYR E 35 9.70 -6.30 -11.93
C TYR E 35 10.07 -6.83 -13.30
N ARG E 36 9.46 -7.93 -13.68
CA ARG E 36 9.41 -8.24 -15.07
C ARG E 36 7.93 -8.48 -15.38
N GLN E 37 7.56 -8.35 -16.64
CA GLN E 37 6.19 -8.63 -17.05
C GLN E 37 6.21 -9.61 -18.20
N ASP E 38 5.37 -10.63 -18.10
CA ASP E 38 5.37 -11.72 -19.08
C ASP E 38 3.94 -12.19 -19.32
N PRO E 39 3.55 -12.33 -20.61
CA PRO E 39 2.27 -12.78 -21.18
C PRO E 39 1.33 -13.68 -20.35
N GLY E 40 1.87 -14.66 -19.63
CA GLY E 40 1.01 -15.51 -18.80
C GLY E 40 1.26 -15.36 -17.31
N MET E 41 2.24 -14.53 -16.95
CA MET E 41 2.75 -14.48 -15.59
C MET E 41 2.36 -13.23 -14.83
N GLY E 42 1.91 -12.21 -15.55
CA GLY E 42 1.64 -10.91 -14.94
C GLY E 42 2.92 -10.19 -14.58
N LEU E 43 2.84 -9.30 -13.59
CA LEU E 43 4.01 -8.63 -13.06
C LEU E 43 4.65 -9.49 -11.98
N ARG E 44 5.97 -9.68 -12.05
CA ARG E 44 6.67 -10.53 -11.08
C ARG E 44 7.85 -9.80 -10.44
N LEU E 45 7.88 -9.75 -9.10
CA LEU E 45 8.93 -9.00 -8.37
C LEU E 45 10.25 -9.77 -8.36
N ILE E 46 11.33 -9.09 -8.70
CA ILE E 46 12.65 -9.73 -8.85
C ILE E 46 13.50 -9.47 -7.60
N HIS E 47 13.71 -8.18 -7.30
CA HIS E 47 14.39 -7.73 -6.08
C HIS E 47 13.72 -6.41 -5.72
N TYR E 48 13.88 -6.02 -4.47
CA TYR E 48 13.35 -4.75 -3.98
C TYR E 48 14.25 -4.21 -2.87
N SER E 49 13.99 -2.96 -2.47
CA SER E 49 14.84 -2.27 -1.54
C SER E 49 14.06 -1.19 -0.78
N VAL E 50 14.10 -1.21 0.55
CA VAL E 50 13.31 -0.27 1.36
C VAL E 50 14.15 0.88 1.96
N GLY E 51 15.37 1.03 1.46
CA GLY E 51 16.25 2.08 1.93
C GLY E 51 17.54 2.04 1.17
N ALA E 52 18.34 3.08 1.31
CA ALA E 52 19.67 3.14 0.71
C ALA E 52 20.62 2.15 1.37
N GLY E 53 21.35 1.39 0.56
CA GLY E 53 22.32 0.45 1.08
C GLY E 53 21.80 -0.94 1.43
N ILE E 54 20.50 -1.15 1.39
CA ILE E 54 19.90 -2.43 1.77
C ILE E 54 18.98 -2.97 0.66
N THR E 55 19.01 -4.28 0.39
CA THR E 55 18.12 -4.89 -0.60
C THR E 55 17.70 -6.28 -0.17
N ASP E 56 16.67 -6.83 -0.82
CA ASP E 56 16.23 -8.20 -0.58
C ASP E 56 15.60 -8.77 -1.85
N GLN E 57 15.49 -10.09 -1.91
CA GLN E 57 14.93 -10.77 -3.07
C GLN E 57 13.40 -10.64 -3.18
N GLY E 58 12.88 -10.72 -4.40
CA GLY E 58 11.45 -10.78 -4.60
C GLY E 58 11.06 -12.21 -4.83
N GLU E 59 10.05 -12.43 -5.67
CA GLU E 59 9.65 -13.81 -5.99
C GLU E 59 10.56 -14.40 -7.05
N VAL E 60 11.09 -13.57 -7.94
CA VAL E 60 11.96 -14.12 -9.02
C VAL E 60 13.39 -13.53 -9.12
N PRO E 61 14.25 -13.78 -8.10
CA PRO E 61 15.59 -13.16 -8.09
C PRO E 61 16.67 -13.82 -8.97
N ASN E 62 16.50 -15.11 -9.25
CA ASN E 62 17.52 -15.98 -9.85
C ASN E 62 18.11 -15.52 -11.19
N GLY E 63 19.38 -15.11 -11.17
CA GLY E 63 20.06 -14.64 -12.37
C GLY E 63 20.16 -13.13 -12.41
N TYR E 64 19.59 -12.49 -11.41
CA TYR E 64 19.69 -11.05 -11.30
C TYR E 64 20.36 -10.71 -10.00
N ASN E 65 21.11 -9.62 -10.00
CA ASN E 65 21.42 -8.95 -8.75
C ASN E 65 21.23 -7.45 -8.84
N VAL E 66 21.35 -6.79 -7.71
CA VAL E 66 20.80 -5.48 -7.54
C VAL E 66 21.65 -4.80 -6.46
N SER E 67 21.90 -3.51 -6.61
CA SER E 67 22.43 -2.74 -5.49
C SER E 67 21.74 -1.39 -5.39
N ARG E 68 21.83 -0.79 -4.22
CA ARG E 68 21.20 0.47 -3.95
C ARG E 68 22.28 1.27 -3.26
N SER E 69 23.15 1.90 -4.03
CA SER E 69 24.22 2.68 -3.43
C SER E 69 23.71 4.00 -2.91
N THR E 70 22.77 4.61 -3.62
CA THR E 70 22.20 5.89 -3.23
C THR E 70 20.70 5.67 -3.20
N THR E 71 19.95 6.62 -2.63
CA THR E 71 18.51 6.49 -2.62
C THR E 71 17.91 6.66 -4.02
N GLU E 72 18.62 7.39 -4.88
CA GLU E 72 18.17 7.72 -6.21
C GLU E 72 18.27 6.55 -7.17
N ASP E 73 19.29 5.72 -6.99
CA ASP E 73 19.68 4.78 -8.04
C ASP E 73 19.47 3.34 -7.63
N PHE E 74 18.92 2.53 -8.53
CA PHE E 74 18.69 1.10 -8.28
C PHE E 74 18.99 0.20 -9.50
N PRO E 75 20.27 0.05 -9.90
CA PRO E 75 20.58 -0.81 -11.05
C PRO E 75 20.35 -2.30 -10.86
N LEU E 76 19.85 -2.94 -11.91
CA LEU E 76 19.70 -4.39 -11.98
C LEU E 76 20.76 -4.93 -12.89
N ARG E 77 21.54 -5.90 -12.41
CA ARG E 77 22.54 -6.58 -13.21
C ARG E 77 22.06 -7.98 -13.56
N LEU E 78 22.14 -8.32 -14.84
CA LEU E 78 22.01 -9.69 -15.29
C LEU E 78 23.41 -10.12 -15.52
N LEU E 79 23.96 -11.01 -14.74
CA LEU E 79 25.39 -11.30 -14.91
C LEU E 79 25.73 -12.21 -16.09
N SER E 80 24.75 -13.00 -16.55
CA SER E 80 24.96 -14.00 -17.62
C SER E 80 23.61 -14.32 -18.23
N ALA E 81 23.32 -13.74 -19.39
CA ALA E 81 21.96 -13.69 -19.91
C ALA E 81 21.47 -15.04 -20.42
N ALA E 82 20.23 -15.38 -20.11
CA ALA E 82 19.62 -16.64 -20.54
C ALA E 82 18.38 -16.30 -21.36
N PRO E 83 17.95 -17.18 -22.30
CA PRO E 83 16.73 -16.87 -23.10
C PRO E 83 15.34 -16.87 -22.36
N SER E 84 15.35 -17.12 -21.05
CA SER E 84 14.16 -17.00 -20.24
C SER E 84 14.06 -15.57 -19.67
N GLN E 85 15.09 -14.78 -19.91
CA GLN E 85 15.24 -13.39 -19.40
C GLN E 85 14.73 -12.35 -20.36
N THR E 86 14.48 -12.79 -21.61
CA THR E 86 13.68 -12.06 -22.59
C THR E 86 12.38 -11.63 -21.89
N SER E 87 12.16 -10.31 -21.75
CA SER E 87 11.06 -9.84 -20.93
C SER E 87 11.04 -8.32 -20.94
N VAL E 88 10.04 -7.75 -20.27
CA VAL E 88 9.91 -6.32 -20.19
C VAL E 88 10.11 -5.92 -18.73
N TYR E 89 11.26 -5.37 -18.43
CA TYR E 89 11.60 -5.09 -17.05
C TYR E 89 11.19 -3.68 -16.65
N PHE E 90 10.51 -3.52 -15.50
CA PHE E 90 10.07 -2.18 -14.98
C PHE E 90 10.65 -1.88 -13.62
N CYS E 91 11.42 -0.83 -13.53
CA CYS E 91 11.68 -0.21 -12.25
C CYS E 91 10.42 0.46 -11.70
N ALA E 92 10.28 0.51 -10.37
CA ALA E 92 9.20 1.25 -9.72
C ALA E 92 9.62 1.89 -8.42
N SER E 93 8.88 2.91 -7.92
CA SER E 93 9.19 3.46 -6.61
C SER E 93 7.97 3.97 -5.79
N ARG E 94 7.96 3.72 -4.47
CA ARG E 94 6.95 4.24 -3.51
C ARG E 94 7.74 4.93 -2.42
N PRO E 95 7.12 5.87 -1.66
CA PRO E 95 7.84 6.58 -0.59
C PRO E 95 8.45 5.79 0.59
N GLY E 96 7.85 4.68 0.99
CA GLY E 96 8.24 4.04 2.24
C GLY E 96 7.79 4.90 3.42
N LEU E 97 8.73 5.23 4.30
CA LEU E 97 8.39 5.96 5.53
C LEU E 97 8.69 7.44 5.35
N ALA E 98 9.26 7.77 4.20
CA ALA E 98 9.70 9.10 3.90
C ALA E 98 8.58 10.08 3.59
N GLY E 99 7.45 9.60 3.10
CA GLY E 99 6.67 10.54 2.37
C GLY E 99 5.19 10.55 2.29
N GLY E 100 4.76 10.78 1.07
CA GLY E 100 3.43 11.24 0.80
C GLY E 100 2.38 10.20 0.75
N ARG E 101 1.62 10.32 -0.33
CA ARG E 101 0.62 9.38 -0.67
C ARG E 101 1.37 8.15 -1.11
N PRO E 102 0.95 6.99 -0.60
CA PRO E 102 1.66 5.73 -0.74
C PRO E 102 1.61 5.09 -2.13
N GLU E 103 1.61 5.90 -3.17
CA GLU E 103 1.42 5.45 -4.54
C GLU E 103 2.75 4.98 -5.12
N GLN E 104 2.73 3.84 -5.80
CA GLN E 104 3.90 3.34 -6.50
C GLN E 104 3.88 3.79 -7.97
N TYR E 105 5.00 4.33 -8.42
CA TYR E 105 5.11 4.84 -9.77
C TYR E 105 6.11 4.01 -10.53
N PHE E 106 5.90 3.78 -11.82
CA PHE E 106 6.70 2.84 -12.60
C PHE E 106 7.64 3.51 -13.64
N GLY E 107 8.80 2.90 -13.94
CA GLY E 107 9.67 3.45 -15.00
C GLY E 107 9.02 3.13 -16.32
N PRO E 108 9.51 3.70 -17.43
CA PRO E 108 8.90 3.45 -18.73
C PRO E 108 9.18 2.02 -19.27
N GLY E 109 10.04 1.28 -18.61
CA GLY E 109 10.31 -0.12 -19.05
C GLY E 109 11.56 -0.26 -19.87
N THR E 110 11.98 -1.53 -20.05
CA THR E 110 13.14 -1.89 -20.81
C THR E 110 12.84 -3.27 -21.48
N ARG E 111 12.84 -3.30 -22.81
CA ARG E 111 12.41 -4.48 -23.49
C ARG E 111 13.64 -5.26 -23.87
N LEU E 112 13.96 -6.26 -23.08
CA LEU E 112 15.21 -7.00 -23.29
C LEU E 112 14.89 -8.29 -23.98
N THR E 113 15.64 -8.62 -25.03
CA THR E 113 15.52 -9.91 -25.70
C THR E 113 16.85 -10.64 -25.66
N VAL E 114 16.85 -11.84 -25.11
CA VAL E 114 18.06 -12.65 -25.12
C VAL E 114 17.91 -13.75 -26.15
N THR E 115 18.97 -13.93 -26.96
CA THR E 115 18.99 -14.90 -28.03
C THR E 115 20.29 -15.73 -27.96
N GLU E 116 20.30 -16.91 -28.57
CA GLU E 116 21.44 -17.82 -28.44
C GLU E 116 22.59 -17.46 -29.35
N ASP E 117 22.26 -16.73 -30.41
CA ASP E 117 23.15 -16.53 -31.52
C ASP E 117 22.68 -15.21 -32.11
N LEU E 118 23.56 -14.22 -32.21
CA LEU E 118 23.09 -12.94 -32.76
C LEU E 118 23.03 -12.88 -34.29
N LYS E 119 23.37 -14.02 -34.91
CA LYS E 119 23.06 -14.35 -36.29
C LYS E 119 21.53 -14.43 -36.52
N ASN E 120 20.78 -14.57 -35.43
CA ASN E 120 19.33 -14.44 -35.48
C ASN E 120 18.80 -13.01 -35.66
N VAL E 121 19.62 -11.98 -35.41
CA VAL E 121 19.18 -10.53 -35.45
C VAL E 121 19.12 -9.95 -36.86
N PHE E 122 17.93 -9.51 -37.28
CA PHE E 122 17.69 -8.96 -38.63
C PHE E 122 16.97 -7.60 -38.56
N PRO E 123 17.37 -6.64 -39.40
CA PRO E 123 16.59 -5.39 -39.52
C PRO E 123 15.33 -5.64 -40.35
N PRO E 124 14.33 -4.76 -40.26
CA PRO E 124 13.17 -5.02 -41.11
C PRO E 124 13.36 -4.67 -42.57
N GLU E 125 12.50 -5.21 -43.40
CA GLU E 125 12.31 -4.67 -44.74
C GLU E 125 10.97 -3.96 -44.71
N VAL E 126 10.92 -2.76 -45.30
CA VAL E 126 9.76 -1.89 -45.20
C VAL E 126 9.26 -1.56 -46.60
N ALA E 127 7.99 -1.82 -46.87
CA ALA E 127 7.36 -1.47 -48.14
C ALA E 127 6.05 -0.72 -47.90
N VAL E 128 5.72 0.19 -48.82
CA VAL E 128 4.45 0.92 -48.76
C VAL E 128 3.59 0.52 -49.95
N PHE E 129 2.35 0.16 -49.67
CA PHE E 129 1.43 -0.32 -50.68
C PHE E 129 0.41 0.78 -50.89
N GLU E 130 0.34 1.25 -52.13
CA GLU E 130 -0.48 2.39 -52.52
C GLU E 130 -1.97 2.01 -52.60
N PRO E 131 -2.88 2.96 -52.26
CA PRO E 131 -4.34 2.75 -52.26
C PRO E 131 -4.90 2.10 -53.51
N SER E 132 -5.81 1.15 -53.28
CA SER E 132 -6.57 0.51 -54.33
C SER E 132 -7.47 1.55 -54.97
N GLU E 133 -7.45 1.61 -56.31
CA GLU E 133 -8.25 2.55 -57.10
C GLU E 133 -9.76 2.34 -56.90
N ALA E 134 -10.11 1.09 -56.61
CA ALA E 134 -11.48 0.70 -56.30
C ALA E 134 -12.01 1.33 -55.01
N GLU E 135 -11.15 1.50 -54.02
CA GLU E 135 -11.50 2.17 -52.76
C GLU E 135 -11.77 3.66 -52.95
N ILE E 136 -10.89 4.29 -53.72
CA ILE E 136 -11.00 5.70 -54.12
C ILE E 136 -12.34 5.97 -54.79
N SER E 137 -12.74 5.10 -55.71
CA SER E 137 -14.03 5.22 -56.38
C SER E 137 -15.24 4.87 -55.49
N HIS E 138 -15.05 3.95 -54.53
CA HIS E 138 -16.17 3.51 -53.70
C HIS E 138 -16.43 4.45 -52.52
N THR E 139 -15.34 4.97 -51.94
CA THR E 139 -15.43 5.66 -50.65
C THR E 139 -14.96 7.12 -50.64
N GLN E 140 -14.32 7.57 -51.72
CA GLN E 140 -13.63 8.86 -51.82
C GLN E 140 -12.55 9.05 -50.76
N LYS E 141 -11.90 7.95 -50.41
CA LYS E 141 -10.85 7.92 -49.40
C LYS E 141 -9.77 6.98 -49.89
N ALA E 142 -8.61 7.06 -49.26
CA ALA E 142 -7.43 6.38 -49.74
C ALA E 142 -6.59 5.84 -48.60
N THR E 143 -6.50 4.51 -48.54
CA THR E 143 -5.73 3.85 -47.49
C THR E 143 -4.36 3.37 -48.00
N LEU E 144 -3.28 3.95 -47.44
CA LEU E 144 -1.94 3.40 -47.66
C LEU E 144 -1.64 2.36 -46.61
N VAL E 145 -1.08 1.21 -46.99
CA VAL E 145 -0.56 0.34 -45.95
C VAL E 145 0.95 0.17 -46.00
N CYS E 146 1.55 0.21 -44.81
CA CYS E 146 2.96 -0.06 -44.63
C CYS E 146 3.16 -1.43 -44.00
N LEU E 147 4.02 -2.23 -44.60
CA LEU E 147 4.41 -3.51 -44.01
C LEU E 147 5.88 -3.44 -43.62
N ALA E 148 6.16 -3.59 -42.34
CA ALA E 148 7.53 -3.82 -41.87
C ALA E 148 7.64 -5.31 -41.63
N THR E 149 8.52 -6.01 -42.35
CA THR E 149 8.61 -7.47 -42.23
C THR E 149 10.04 -7.95 -41.97
N GLY E 150 10.19 -9.22 -41.62
CA GLY E 150 11.50 -9.86 -41.53
C GLY E 150 12.43 -9.53 -40.37
N PHE E 151 11.94 -8.81 -39.36
CA PHE E 151 12.82 -8.36 -38.27
C PHE E 151 12.90 -9.26 -37.01
N TYR E 152 14.06 -9.25 -36.38
CA TYR E 152 14.26 -9.85 -35.08
C TYR E 152 15.33 -9.00 -34.39
N PRO E 153 15.12 -8.65 -33.12
CA PRO E 153 13.97 -8.89 -32.23
C PRO E 153 12.83 -7.94 -32.51
N ASP E 154 11.73 -8.05 -31.76
CA ASP E 154 10.53 -7.28 -32.03
C ASP E 154 10.62 -5.86 -31.46
N HIS E 155 11.75 -5.20 -31.71
CA HIS E 155 12.06 -3.91 -31.10
C HIS E 155 11.96 -2.84 -32.17
N VAL E 156 10.74 -2.39 -32.45
CA VAL E 156 10.49 -1.43 -33.54
C VAL E 156 9.54 -0.31 -33.12
N GLU E 157 9.69 0.86 -33.75
CA GLU E 157 8.76 1.98 -33.59
C GLU E 157 8.40 2.48 -35.01
N LEU E 158 7.11 2.46 -35.33
CA LEU E 158 6.63 2.85 -36.64
C LEU E 158 5.98 4.21 -36.57
N SER E 159 6.30 5.05 -37.54
CA SER E 159 5.67 6.36 -37.67
C SER E 159 5.41 6.65 -39.15
N TRP E 160 4.48 7.55 -39.42
CA TRP E 160 4.16 7.98 -40.77
C TRP E 160 4.44 9.46 -40.88
N TRP E 161 5.06 9.84 -41.99
CA TRP E 161 5.48 11.21 -42.17
C TRP E 161 4.89 11.67 -43.48
N VAL E 162 4.01 12.67 -43.46
CA VAL E 162 3.58 13.27 -44.72
C VAL E 162 4.20 14.66 -44.88
N ASN E 163 4.72 14.91 -46.09
CA ASN E 163 5.42 16.15 -46.46
C ASN E 163 6.56 16.57 -45.53
N GLY E 164 7.19 15.57 -44.92
CA GLY E 164 8.30 15.80 -44.02
C GLY E 164 7.90 15.89 -42.56
N LYS E 165 6.60 15.87 -42.28
CA LYS E 165 6.13 16.01 -40.90
C LYS E 165 5.32 14.82 -40.42
N GLU E 166 5.57 14.40 -39.19
CA GLU E 166 4.91 13.23 -38.59
C GLU E 166 3.41 13.40 -38.36
N VAL E 167 2.65 12.43 -38.87
CA VAL E 167 1.21 12.41 -38.65
C VAL E 167 0.73 11.32 -37.69
N HIS E 168 -0.32 11.65 -36.95
CA HIS E 168 -0.96 10.70 -36.05
C HIS E 168 -2.41 10.71 -36.47
N SER E 169 -2.68 11.62 -37.40
CA SER E 169 -4.01 12.18 -37.59
C SER E 169 -4.95 11.33 -38.44
N GLY E 170 -4.49 10.14 -38.86
CA GLY E 170 -5.35 9.15 -39.50
C GLY E 170 -4.69 7.79 -39.62
N VAL E 171 -3.88 7.43 -38.61
CA VAL E 171 -3.15 6.16 -38.63
C VAL E 171 -3.66 5.08 -37.67
N SER E 172 -3.50 3.82 -38.06
CA SER E 172 -3.66 2.69 -37.15
C SER E 172 -2.53 1.69 -37.40
N THR E 173 -1.73 1.46 -36.36
CA THR E 173 -0.62 0.52 -36.41
C THR E 173 -1.01 -0.64 -35.54
N ASP E 174 -0.62 -1.86 -35.93
CA ASP E 174 -0.78 -3.03 -35.06
C ASP E 174 -0.15 -2.78 -33.68
N PRO E 175 -0.88 -3.11 -32.60
CA PRO E 175 -0.39 -2.88 -31.24
C PRO E 175 0.89 -3.65 -30.91
N GLN E 176 1.02 -4.85 -31.45
CA GLN E 176 2.21 -5.67 -31.31
C GLN E 176 2.50 -6.36 -32.63
N PRO E 177 3.79 -6.55 -32.96
CA PRO E 177 4.22 -7.36 -34.11
C PRO E 177 3.76 -8.83 -34.13
N LEU E 178 3.55 -9.36 -35.33
CA LEU E 178 3.16 -10.77 -35.57
C LEU E 178 4.37 -11.67 -35.67
N LYS E 179 4.35 -12.82 -35.01
CA LYS E 179 5.38 -13.83 -35.29
C LYS E 179 5.11 -14.45 -36.65
N GLU E 180 6.10 -14.34 -37.54
CA GLU E 180 5.98 -14.85 -38.92
C GLU E 180 6.06 -16.37 -38.96
N GLN E 181 6.75 -16.95 -37.98
CA GLN E 181 6.89 -18.40 -37.91
C GLN E 181 6.66 -18.92 -36.49
N PRO E 182 5.38 -19.04 -36.07
CA PRO E 182 5.01 -19.41 -34.69
C PRO E 182 5.45 -20.81 -34.21
N ALA E 183 6.02 -21.62 -35.09
CA ALA E 183 6.63 -22.88 -34.69
C ALA E 183 8.04 -22.70 -34.10
N LEU E 184 8.64 -21.52 -34.30
CA LEU E 184 9.99 -21.22 -33.81
C LEU E 184 10.06 -20.14 -32.73
N ASN E 185 11.10 -20.23 -31.90
CA ASN E 185 11.35 -19.26 -30.83
C ASN E 185 12.24 -18.11 -31.28
N ASP E 186 12.98 -18.35 -32.37
CA ASP E 186 13.80 -17.32 -33.02
C ASP E 186 13.08 -16.76 -34.23
N SER E 187 11.75 -16.91 -34.23
CA SER E 187 10.85 -16.41 -35.25
C SER E 187 11.04 -14.93 -35.50
N ARG E 188 11.00 -14.58 -36.77
CA ARG E 188 11.14 -13.23 -37.15
C ARG E 188 9.75 -12.62 -37.11
N TYR E 189 9.70 -11.31 -37.13
CA TYR E 189 8.45 -10.61 -36.87
C TYR E 189 7.96 -9.76 -38.06
N ALA E 190 6.66 -9.47 -38.05
CA ALA E 190 6.10 -8.52 -39.01
C ALA E 190 5.15 -7.56 -38.32
N LEU E 191 5.11 -6.33 -38.80
CA LEU E 191 4.18 -5.34 -38.28
C LEU E 191 3.52 -4.65 -39.47
N SER E 192 2.22 -4.39 -39.36
CA SER E 192 1.53 -3.60 -40.37
C SER E 192 1.04 -2.26 -39.82
N SER E 193 0.86 -1.30 -40.73
CA SER E 193 0.23 -0.04 -40.36
C SER E 193 -0.59 0.53 -41.50
N ARG E 194 -1.47 1.47 -41.17
CA ARG E 194 -2.40 2.06 -42.14
C ARG E 194 -2.34 3.56 -42.08
N LEU E 195 -2.31 4.22 -43.23
CA LEU E 195 -2.59 5.65 -43.26
C LEU E 195 -3.74 5.95 -44.23
N ARG E 196 -4.81 6.55 -43.71
CA ARG E 196 -5.94 6.91 -44.53
C ARG E 196 -6.11 8.42 -44.67
N VAL E 197 -6.22 8.85 -45.93
CA VAL E 197 -6.36 10.25 -46.31
C VAL E 197 -7.57 10.37 -47.23
N SER E 198 -7.97 11.59 -47.57
CA SER E 198 -9.05 11.79 -48.54
C SER E 198 -8.55 11.49 -49.95
N ALA E 199 -9.47 11.23 -50.88
CA ALA E 199 -9.09 10.87 -52.26
C ALA E 199 -8.31 11.96 -52.94
N THR E 200 -8.75 13.20 -52.76
CA THR E 200 -8.10 14.36 -53.38
C THR E 200 -6.79 14.75 -52.72
N PHE E 201 -6.58 14.35 -51.46
CA PHE E 201 -5.27 14.51 -50.84
C PHE E 201 -4.30 13.51 -51.44
N TRP E 202 -4.77 12.29 -51.71
CA TRP E 202 -3.92 11.28 -52.33
C TRP E 202 -3.66 11.61 -53.78
N GLN E 203 -4.66 12.16 -54.46
CA GLN E 203 -4.53 12.45 -55.89
C GLN E 203 -3.67 13.69 -56.24
N ASP E 204 -3.27 14.42 -55.21
CA ASP E 204 -2.32 15.54 -55.33
C ASP E 204 -0.91 14.97 -55.41
N PRO E 205 -0.21 15.17 -56.55
CA PRO E 205 1.14 14.62 -56.74
C PRO E 205 2.27 15.37 -55.99
N ARG E 206 1.96 16.49 -55.36
CA ARG E 206 2.91 17.23 -54.52
C ARG E 206 3.18 16.48 -53.22
N ASN E 207 2.18 15.74 -52.76
CA ASN E 207 2.20 15.01 -51.49
C ASN E 207 3.12 13.78 -51.44
N HIS E 208 4.04 13.81 -50.48
CA HIS E 208 4.99 12.73 -50.22
C HIS E 208 4.59 12.02 -48.93
N PHE E 209 4.49 10.70 -48.98
CA PHE E 209 4.06 9.92 -47.84
C PHE E 209 5.22 9.00 -47.49
N ARG E 210 5.53 8.84 -46.22
CA ARG E 210 6.65 8.01 -45.84
C ARG E 210 6.42 7.23 -44.56
N CYS E 211 6.57 5.91 -44.64
CA CYS E 211 6.47 5.07 -43.46
C CYS E 211 7.86 4.82 -42.92
N GLN E 212 8.10 5.22 -41.68
CA GLN E 212 9.42 5.13 -41.07
C GLN E 212 9.42 4.05 -39.99
N VAL E 213 10.38 3.12 -40.05
CA VAL E 213 10.50 2.13 -38.97
C VAL E 213 11.88 2.17 -38.31
N GLN E 214 11.89 2.61 -37.06
CA GLN E 214 13.08 2.62 -36.26
C GLN E 214 13.27 1.24 -35.64
N PHE E 215 14.41 0.63 -35.88
CA PHE E 215 14.68 -0.71 -35.40
C PHE E 215 15.81 -0.62 -34.43
N TYR E 216 15.69 -1.35 -33.33
CA TYR E 216 16.77 -1.45 -32.37
C TYR E 216 17.41 -2.84 -32.47
N GLY E 217 18.73 -2.87 -32.67
CA GLY E 217 19.45 -4.11 -32.88
C GLY E 217 20.85 -4.06 -32.27
N LEU E 218 21.84 -4.51 -33.04
CA LEU E 218 23.24 -4.52 -32.61
C LEU E 218 23.84 -3.12 -32.47
N SER E 219 24.97 -3.05 -31.79
CA SER E 219 25.68 -1.80 -31.65
C SER E 219 26.78 -1.75 -32.71
N GLU E 220 27.32 -0.55 -32.95
CA GLU E 220 28.38 -0.36 -33.94
C GLU E 220 29.71 -0.96 -33.49
N ASN E 221 29.87 -1.11 -32.18
CA ASN E 221 31.02 -1.76 -31.58
C ASN E 221 31.07 -3.27 -31.75
N ASP E 222 29.95 -3.90 -32.11
CA ASP E 222 29.82 -5.35 -32.10
C ASP E 222 30.59 -6.09 -33.18
N GLU E 223 30.97 -7.33 -32.87
CA GLU E 223 31.63 -8.18 -33.85
C GLU E 223 30.57 -8.78 -34.74
N TRP E 224 30.87 -8.86 -36.04
CA TRP E 224 29.91 -9.38 -37.01
C TRP E 224 30.61 -10.13 -38.13
N THR E 225 30.65 -11.46 -38.04
CA THR E 225 31.30 -12.21 -39.11
C THR E 225 30.30 -13.04 -39.92
N GLN E 226 29.22 -12.38 -40.37
CA GLN E 226 28.36 -12.94 -41.40
C GLN E 226 28.64 -12.23 -42.71
N ASP E 227 27.96 -12.67 -43.76
CA ASP E 227 28.11 -12.07 -45.08
C ASP E 227 27.08 -10.97 -45.23
N ARG E 228 26.13 -10.97 -44.31
CA ARG E 228 25.07 -9.99 -44.22
C ARG E 228 25.62 -8.68 -43.65
N ALA E 229 24.95 -7.58 -43.98
CA ALA E 229 25.26 -6.28 -43.37
C ALA E 229 24.87 -6.30 -41.90
N LYS E 230 25.74 -5.74 -41.06
CA LYS E 230 25.57 -5.75 -39.60
C LYS E 230 24.27 -5.07 -39.17
N PRO E 231 23.36 -5.85 -38.56
CA PRO E 231 22.00 -5.47 -38.19
C PRO E 231 21.99 -4.51 -37.03
N VAL E 232 22.56 -3.33 -37.24
CA VAL E 232 22.63 -2.30 -36.22
C VAL E 232 21.28 -1.67 -35.96
N THR E 233 21.25 -0.86 -34.91
CA THR E 233 20.13 -0.02 -34.62
C THR E 233 20.07 1.00 -35.75
N GLN E 234 18.94 1.06 -36.46
CA GLN E 234 18.84 1.85 -37.69
C GLN E 234 17.40 2.17 -38.01
N ILE E 235 17.22 3.15 -38.88
CA ILE E 235 15.90 3.47 -39.41
C ILE E 235 15.77 2.94 -40.84
N VAL E 236 14.70 2.17 -41.10
CA VAL E 236 14.39 1.76 -42.47
C VAL E 236 13.05 2.38 -42.87
N SER E 237 13.01 3.01 -44.06
CA SER E 237 11.77 3.63 -44.55
C SER E 237 11.31 3.16 -45.94
N ALA E 238 10.08 3.51 -46.29
CA ALA E 238 9.56 3.34 -47.64
C ALA E 238 8.64 4.51 -47.95
N GLU E 239 8.43 4.78 -49.24
CA GLU E 239 7.68 5.95 -49.61
C GLU E 239 6.74 5.72 -50.78
N ALA E 240 5.78 6.63 -50.90
CA ALA E 240 4.88 6.69 -52.04
C ALA E 240 4.59 8.16 -52.28
N TRP E 241 4.31 8.48 -53.53
CA TRP E 241 4.01 9.84 -53.91
C TRP E 241 2.57 9.87 -54.35
N GLY E 242 1.95 11.05 -54.27
CA GLY E 242 0.62 11.26 -54.79
C GLY E 242 0.46 11.02 -56.27
N ARG E 243 -0.74 10.59 -56.66
CA ARG E 243 -0.97 10.07 -58.01
C ARG E 243 -2.37 10.44 -58.46
N ALA E 244 -2.48 11.28 -59.48
CA ALA E 244 -3.79 11.70 -60.00
C ALA E 244 -4.39 10.65 -60.94
N ASP E 245 -5.72 10.49 -60.85
CA ASP E 245 -6.49 9.57 -61.70
C ASP E 245 -7.88 10.12 -61.99
C1 GOL F . -24.13 -4.74 20.31
O1 GOL F . -23.71 -6.09 20.36
C2 GOL F . -23.61 -4.09 19.04
O2 GOL F . -24.09 -2.77 18.90
C3 GOL F . -23.97 -4.92 17.81
O3 GOL F . -24.00 -4.08 16.68
C1 GOL G . 20.92 5.33 27.93
O1 GOL G . 22.33 5.35 27.96
C2 GOL G . 20.30 4.31 28.86
O2 GOL G . 20.71 2.98 28.57
C3 GOL G . 18.79 4.44 28.75
O3 GOL G . 18.17 3.52 29.63
C1 GOL H . 4.61 7.21 48.33
O1 GOL H . 3.76 6.22 48.86
C2 GOL H . 4.05 7.77 47.02
O2 GOL H . 3.15 6.88 46.43
C3 GOL H . 5.22 8.00 46.07
O3 GOL H . 5.32 9.36 45.71
C1 GOL I . 16.17 -6.35 38.03
O1 GOL I . 17.36 -6.32 38.81
C2 GOL I . 15.38 -5.11 38.40
O2 GOL I . 15.48 -5.11 39.80
C3 GOL I . 13.92 -5.17 37.93
O3 GOL I . 13.45 -3.89 37.50
C1 GOL J . 22.49 11.22 48.93
O1 GOL J . 23.47 10.73 49.82
C2 GOL J . 22.82 10.65 47.57
O2 GOL J . 22.96 9.25 47.76
C3 GOL J . 24.18 11.20 47.11
O3 GOL J . 24.10 11.91 45.87
C1 GOL K . 12.56 14.07 7.48
O1 GOL K . 12.20 14.90 8.57
C2 GOL K . 13.58 13.04 7.96
O2 GOL K . 14.63 13.77 8.57
C3 GOL K . 14.22 12.24 6.81
O3 GOL K . 15.27 11.43 7.33
C1 GOL L . -8.96 11.37 -15.48
O1 GOL L . -9.94 10.94 -14.56
C2 GOL L . -9.57 11.51 -16.88
O2 GOL L . -10.76 10.76 -17.06
C3 GOL L . -8.57 11.13 -17.98
O3 GOL L . -9.32 10.64 -19.07
C1 GOL M . 12.86 5.80 -50.11
O1 GOL M . 12.79 4.40 -50.14
C2 GOL M . 13.64 6.26 -48.88
O2 GOL M . 14.19 5.12 -48.26
C3 GOL M . 12.63 6.91 -47.95
O3 GOL M . 12.75 8.37 -48.05
C1 GOL N . 4.57 -1.53 -32.39
O1 GOL N . 5.50 -2.54 -32.07
C2 GOL N . 5.29 -0.19 -32.45
O2 GOL N . 5.12 0.51 -31.25
C3 GOL N . 4.76 0.63 -33.60
O3 GOL N . 4.74 1.98 -33.19
C1 GOL O . 17.73 3.49 -26.91
O1 GOL O . 17.13 3.79 -25.65
C2 GOL O . 17.78 1.96 -27.15
O2 GOL O . 17.21 1.26 -26.10
C3 GOL O . 19.15 1.35 -27.45
O3 GOL O . 19.02 -0.01 -27.89
C1 GOL P . 9.95 12.33 0.88
O1 GOL P . 9.60 12.35 -0.50
C2 GOL P . 10.95 13.43 1.24
O2 GOL P . 11.50 13.98 0.07
C3 GOL P . 12.03 12.85 2.14
O3 GOL P . 13.35 13.06 1.66
#